data_9AX2
#
_entry.id   9AX2
#
_cell.length_a   46.710
_cell.length_b   63.406
_cell.length_c   86.595
_cell.angle_alpha   84.488
_cell.angle_beta   85.334
_cell.angle_gamma   80.604
#
_symmetry.space_group_name_H-M   'P 1'
#
loop_
_entity.id
_entity.type
_entity.pdbx_description
1 polymer 'H9 Immunoglobulin Light Chain'
2 non-polymer '2-{(1R)-1-methyl-3-oxo-5-[(2S)-2-phenylpropoxy]-1,3-dihydro-2H-isoindol-2-yl}ethyl {[(3M)-3-(1H-imidazol-4-yl)phenyl]methyl}carbamate'
3 non-polymer 'PHOSPHATE ION'
4 water water
#
_entity_poly.entity_id   1
_entity_poly.type   'polypeptide(L)'
_entity_poly.pdbx_seq_one_letter_code
;QSALTQPPSASGSPGQSVTISCTGTSSDVGGSDSVSWYQQHPGKAPKLIIYEVSQRPSGVPNRFSGSKSGNTASLTVSGL
QAEDDADYYCSSYGGDNNLFFGGGTKVTVLGQPKAAPSVTLFPPSSEELQANKATLVCLISDFYPGAVTVAWKADSSPVK
AGVETTTPSKQSNNKYAASSYLSLTPEQWKSHRSYSCQVTHEGSTVEKTVAPTECS
;
_entity_poly.pdbx_strand_id   A,B,C,D
#
loop_
_chem_comp.id
_chem_comp.type
_chem_comp.name
_chem_comp.formula
A1AH6 non-polymer '2-{(1R)-1-methyl-3-oxo-5-[(2S)-2-phenylpropoxy]-1,3-dihydro-2H-isoindol-2-yl}ethyl {[(3M)-3-(1H-imidazol-4-yl)phenyl]methyl}carbamate' 'C31 H32 N4 O4'
PO4 non-polymer 'PHOSPHATE ION' 'O4 P -3'
#
# COMPACT_ATOMS: atom_id res chain seq x y z
N SER A 2 -22.57 -14.25 4.66
CA SER A 2 -23.89 -14.69 5.08
C SER A 2 -24.78 -13.50 5.42
N ALA A 3 -26.09 -13.68 5.22
CA ALA A 3 -27.04 -12.62 5.53
C ALA A 3 -27.17 -12.42 7.05
N LEU A 4 -26.99 -13.49 7.83
CA LEU A 4 -26.93 -13.39 9.28
C LEU A 4 -25.47 -13.36 9.71
N THR A 5 -25.18 -12.58 10.75
CA THR A 5 -23.83 -12.33 11.21
C THR A 5 -23.57 -13.06 12.51
N GLN A 6 -22.57 -13.94 12.52
CA GLN A 6 -22.10 -14.59 13.73
C GLN A 6 -20.62 -14.26 13.95
N PRO A 7 -20.19 -14.14 15.20
CA PRO A 7 -18.75 -13.98 15.47
C PRO A 7 -17.98 -15.18 14.95
N PRO A 8 -16.81 -14.97 14.35
CA PRO A 8 -16.06 -16.12 13.82
C PRO A 8 -15.72 -17.16 14.85
N SER A 9 -15.48 -16.77 16.10
CA SER A 9 -15.00 -17.70 17.10
C SER A 9 -15.40 -17.25 18.49
N ALA A 10 -15.36 -18.21 19.41
CA ALA A 10 -15.54 -17.96 20.84
C ALA A 10 -14.77 -19.07 21.57
N SER A 11 -14.44 -18.81 22.84
CA SER A 11 -13.70 -19.81 23.59
C SER A 11 -13.94 -19.65 25.09
N GLY A 12 -13.70 -20.73 25.81
CA GLY A 12 -13.75 -20.74 27.26
C GLY A 12 -13.11 -21.99 27.79
N SER A 13 -12.77 -21.95 29.06
CA SER A 13 -12.20 -23.13 29.69
C SER A 13 -13.31 -24.03 30.24
N PRO A 14 -13.02 -25.29 30.49
CA PRO A 14 -14.02 -26.17 31.11
C PRO A 14 -14.67 -25.50 32.30
N GLY A 15 -16.00 -25.58 32.36
CA GLY A 15 -16.75 -24.99 33.44
C GLY A 15 -17.22 -23.58 33.20
N GLN A 16 -16.62 -22.86 32.26
CA GLN A 16 -17.03 -21.49 32.00
C GLN A 16 -18.28 -21.46 31.10
N SER A 17 -18.84 -20.29 30.94
CA SER A 17 -19.94 -20.05 30.02
C SER A 17 -19.43 -19.28 28.82
N VAL A 18 -20.11 -19.46 27.68
CA VAL A 18 -19.86 -18.68 26.49
C VAL A 18 -21.20 -18.33 25.87
N THR A 19 -21.32 -17.10 25.39
CA THR A 19 -22.50 -16.66 24.65
C THR A 19 -22.05 -16.23 23.26
N ILE A 20 -22.76 -16.71 22.24
CA ILE A 20 -22.46 -16.35 20.86
C ILE A 20 -23.72 -15.76 20.24
N SER A 21 -23.55 -14.72 19.43
CA SER A 21 -24.65 -13.94 18.92
C SER A 21 -24.88 -14.23 17.44
N CYS A 22 -26.09 -13.90 17.00
CA CYS A 22 -26.55 -14.15 15.64
C CYS A 22 -27.43 -12.96 15.26
N THR A 23 -26.89 -12.06 14.44
CA THR A 23 -27.52 -10.77 14.16
C THR A 23 -28.05 -10.75 12.74
N GLY A 24 -29.33 -10.38 12.61
CA GLY A 24 -30.00 -10.25 11.34
C GLY A 24 -30.65 -8.88 11.22
N THR A 25 -31.80 -8.87 10.55
CA THR A 25 -32.59 -7.66 10.37
C THR A 25 -34.00 -7.89 10.90
N SER A 26 -34.83 -6.84 10.81
CA SER A 26 -36.19 -6.92 11.32
C SER A 26 -37.06 -7.87 10.48
N SER A 27 -36.66 -8.16 9.25
CA SER A 27 -37.42 -9.05 8.38
C SER A 27 -37.01 -10.52 8.52
N ASP A 28 -35.97 -10.82 9.30
CA ASP A 28 -35.65 -12.22 9.58
C ASP A 28 -35.59 -12.46 11.08
N VAL A 29 -34.40 -12.35 11.69
CA VAL A 29 -34.25 -12.65 13.12
C VAL A 29 -35.30 -11.89 13.94
N GLY A 30 -35.48 -10.61 13.63
CA GLY A 30 -36.38 -9.78 14.42
C GLY A 30 -37.85 -9.91 14.10
N GLY A 31 -38.20 -10.64 13.04
CA GLY A 31 -39.56 -10.65 12.55
C GLY A 31 -40.44 -11.78 13.05
N SER A 32 -39.84 -12.77 13.70
CA SER A 32 -40.59 -13.92 14.19
C SER A 32 -39.70 -14.67 15.17
N ASP A 33 -40.29 -15.70 15.79
CA ASP A 33 -39.57 -16.52 16.77
C ASP A 33 -39.13 -17.83 16.13
N SER A 34 -38.43 -17.74 15.00
CA SER A 34 -38.07 -18.91 14.20
C SER A 34 -36.56 -19.08 14.11
N VAL A 35 -35.83 -18.68 15.14
CA VAL A 35 -34.39 -18.83 15.15
C VAL A 35 -34.03 -20.23 15.64
N SER A 36 -33.12 -20.89 14.92
CA SER A 36 -32.63 -22.22 15.27
C SER A 36 -31.12 -22.17 15.39
N TRP A 37 -30.57 -23.07 16.19
CA TRP A 37 -29.13 -23.23 16.34
C TRP A 37 -28.75 -24.68 16.08
N TYR A 38 -27.60 -24.87 15.43
CA TYR A 38 -27.11 -26.18 15.07
C TYR A 38 -25.68 -26.34 15.56
N GLN A 39 -25.34 -27.56 15.96
CA GLN A 39 -24.00 -27.93 16.40
C GLN A 39 -23.41 -28.92 15.40
N GLN A 40 -22.14 -28.72 15.04
CA GLN A 40 -21.45 -29.69 14.20
C GLN A 40 -20.03 -29.88 14.70
N HIS A 41 -19.69 -31.12 15.02
CA HIS A 41 -18.30 -31.51 15.15
C HIS A 41 -17.72 -31.70 13.74
N PRO A 42 -16.66 -31.00 13.39
CA PRO A 42 -16.17 -31.04 11.99
C PRO A 42 -16.10 -32.47 11.46
N GLY A 43 -16.61 -32.64 10.24
CA GLY A 43 -16.57 -33.91 9.56
C GLY A 43 -17.74 -34.83 9.84
N LYS A 44 -18.61 -34.48 10.79
CA LYS A 44 -19.73 -35.32 11.19
C LYS A 44 -21.05 -34.59 10.94
N ALA A 45 -22.13 -35.35 11.00
CA ALA A 45 -23.45 -34.79 10.79
C ALA A 45 -23.73 -33.71 11.83
N PRO A 46 -24.35 -32.60 11.44
CA PRO A 46 -24.76 -31.59 12.42
C PRO A 46 -26.00 -32.06 13.19
N LYS A 47 -26.32 -31.30 14.24
CA LYS A 47 -27.48 -31.59 15.08
C LYS A 47 -28.20 -30.30 15.46
N LEU A 48 -29.51 -30.30 15.32
CA LEU A 48 -30.32 -29.19 15.80
C LEU A 48 -30.31 -29.18 17.33
N ILE A 49 -29.92 -28.07 17.92
CA ILE A 49 -29.89 -27.96 19.38
C ILE A 49 -30.84 -26.89 19.92
N ILE A 50 -31.29 -25.94 19.10
CA ILE A 50 -32.29 -24.97 19.52
C ILE A 50 -33.21 -24.70 18.33
N TYR A 51 -34.52 -24.66 18.59
CA TYR A 51 -35.49 -24.23 17.62
C TYR A 51 -36.45 -23.24 18.29
N GLU A 52 -37.09 -22.41 17.47
CA GLU A 52 -38.02 -21.38 17.95
C GLU A 52 -37.39 -20.58 19.09
N VAL A 53 -36.15 -20.16 18.86
CA VAL A 53 -35.40 -19.24 19.73
C VAL A 53 -34.87 -19.92 20.98
N SER A 54 -35.73 -20.70 21.66
CA SER A 54 -35.43 -21.16 23.01
C SER A 54 -35.64 -22.64 23.27
N GLN A 55 -36.22 -23.38 22.34
CA GLN A 55 -36.64 -24.75 22.59
C GLN A 55 -35.50 -25.73 22.33
N ARG A 56 -35.27 -26.63 23.28
CA ARG A 56 -34.28 -27.70 23.13
C ARG A 56 -34.95 -28.95 22.64
N PRO A 57 -34.49 -29.56 21.55
CA PRO A 57 -34.97 -30.91 21.22
C PRO A 57 -34.61 -31.89 22.32
N SER A 58 -35.29 -33.04 22.31
CA SER A 58 -35.03 -34.06 23.32
C SER A 58 -33.57 -34.50 23.26
N GLY A 59 -32.98 -34.68 24.44
CA GLY A 59 -31.61 -35.11 24.55
C GLY A 59 -30.58 -33.99 24.60
N VAL A 60 -30.95 -32.77 24.23
CA VAL A 60 -30.05 -31.62 24.31
C VAL A 60 -30.05 -31.14 25.75
N PRO A 61 -28.90 -31.13 26.43
CA PRO A 61 -28.90 -30.78 27.86
C PRO A 61 -29.26 -29.32 28.07
N ASN A 62 -29.78 -29.02 29.25
CA ASN A 62 -30.24 -27.67 29.55
C ASN A 62 -29.08 -26.69 29.73
N ARG A 63 -27.83 -27.13 29.61
CA ARG A 63 -26.71 -26.20 29.56
C ARG A 63 -26.80 -25.29 28.36
N PHE A 64 -27.52 -25.70 27.32
CA PHE A 64 -27.74 -24.87 26.14
C PHE A 64 -29.04 -24.09 26.30
N SER A 65 -28.97 -22.79 26.06
CA SER A 65 -30.16 -21.95 26.13
C SER A 65 -30.09 -20.90 25.04
N GLY A 66 -31.25 -20.56 24.50
CA GLY A 66 -31.35 -19.58 23.45
C GLY A 66 -32.26 -18.43 23.85
N SER A 67 -31.94 -17.24 23.36
CA SER A 67 -32.75 -16.07 23.61
C SER A 67 -32.65 -15.14 22.39
N LYS A 68 -33.47 -14.10 22.41
CA LYS A 68 -33.51 -13.14 21.32
C LYS A 68 -33.85 -11.77 21.88
N SER A 69 -33.23 -10.73 21.31
CA SER A 69 -33.51 -9.35 21.69
C SER A 69 -33.38 -8.51 20.42
N GLY A 70 -34.50 -7.93 19.98
CA GLY A 70 -34.49 -7.18 18.73
C GLY A 70 -34.08 -8.09 17.58
N ASN A 71 -33.05 -7.69 16.87
CA ASN A 71 -32.59 -8.41 15.68
C ASN A 71 -31.37 -9.28 15.96
N THR A 72 -31.13 -9.63 17.23
CA THR A 72 -29.97 -10.43 17.60
C THR A 72 -30.41 -11.57 18.50
N ALA A 73 -30.17 -12.80 18.06
CA ALA A 73 -30.37 -14.00 18.85
C ALA A 73 -29.05 -14.42 19.48
N SER A 74 -29.13 -15.11 20.60
CA SER A 74 -27.94 -15.51 21.34
C SER A 74 -28.09 -16.94 21.87
N LEU A 75 -27.00 -17.70 21.73
CA LEU A 75 -26.89 -19.04 22.28
C LEU A 75 -25.90 -18.98 23.44
N THR A 76 -26.30 -19.50 24.59
CA THR A 76 -25.43 -19.57 25.76
C THR A 76 -25.18 -21.03 26.10
N VAL A 77 -23.91 -21.37 26.29
CA VAL A 77 -23.49 -22.69 26.71
C VAL A 77 -22.86 -22.53 28.09
N SER A 78 -23.51 -23.06 29.11
CA SER A 78 -23.02 -22.98 30.48
C SER A 78 -22.25 -24.26 30.82
N GLY A 79 -21.29 -24.12 31.72
CA GLY A 79 -20.48 -25.25 32.13
C GLY A 79 -19.91 -26.00 30.95
N LEU A 80 -19.08 -25.32 30.15
CA LEU A 80 -18.51 -25.92 28.96
C LEU A 80 -17.91 -27.29 29.28
N GLN A 81 -18.18 -28.25 28.40
CA GLN A 81 -17.65 -29.59 28.47
C GLN A 81 -16.90 -29.88 27.18
N ALA A 82 -15.95 -30.80 27.24
CA ALA A 82 -15.12 -31.08 26.07
C ALA A 82 -15.97 -31.33 24.84
N GLU A 83 -17.11 -31.99 24.99
CA GLU A 83 -17.96 -32.30 23.86
C GLU A 83 -18.61 -31.05 23.24
N ASP A 84 -18.54 -29.90 23.92
CA ASP A 84 -19.11 -28.67 23.39
C ASP A 84 -18.19 -27.98 22.38
N ASP A 85 -16.91 -28.38 22.32
CA ASP A 85 -15.98 -27.86 21.33
C ASP A 85 -16.46 -28.26 19.94
N ALA A 86 -16.92 -27.28 19.15
CA ALA A 86 -17.58 -27.58 17.89
C ALA A 86 -17.86 -26.26 17.15
N ASP A 87 -18.45 -26.40 15.96
CA ASP A 87 -18.93 -25.26 15.18
C ASP A 87 -20.42 -25.10 15.41
N TYR A 88 -20.87 -23.85 15.52
CA TYR A 88 -22.27 -23.56 15.82
C TYR A 88 -22.81 -22.60 14.77
N TYR A 89 -23.97 -22.94 14.21
CA TYR A 89 -24.64 -22.13 13.20
C TYR A 89 -26.03 -21.72 13.68
N CYS A 90 -26.46 -20.56 13.23
CA CYS A 90 -27.82 -20.09 13.46
C CYS A 90 -28.57 -19.98 12.13
N SER A 91 -29.89 -20.07 12.20
CA SER A 91 -30.74 -19.86 11.04
C SER A 91 -32.01 -19.15 11.49
N SER A 92 -32.64 -18.48 10.52
CA SER A 92 -33.91 -17.81 10.77
C SER A 92 -34.71 -17.80 9.48
N TYR A 93 -35.99 -18.13 9.57
CA TYR A 93 -36.87 -17.93 8.43
C TYR A 93 -36.95 -16.44 8.11
N GLY A 94 -37.30 -16.14 6.87
CA GLY A 94 -37.44 -14.78 6.39
C GLY A 94 -38.88 -14.40 6.13
N GLY A 95 -39.05 -13.26 5.47
CA GLY A 95 -40.38 -12.78 5.14
C GLY A 95 -41.01 -13.56 4.00
N ASP A 96 -40.24 -13.82 2.95
CA ASP A 96 -40.75 -14.55 1.79
C ASP A 96 -40.74 -16.06 2.05
N ASN A 97 -40.85 -16.44 3.32
CA ASN A 97 -40.60 -17.83 3.74
C ASN A 97 -39.29 -18.33 3.14
N ASN A 98 -38.30 -17.45 3.11
CA ASN A 98 -36.92 -17.84 2.82
C ASN A 98 -36.22 -18.21 4.13
N LEU A 99 -35.03 -18.78 4.00
CA LEU A 99 -34.26 -19.25 5.13
C LEU A 99 -32.87 -18.63 5.07
N PHE A 100 -32.47 -17.97 6.16
CA PHE A 100 -31.17 -17.30 6.24
C PHE A 100 -30.29 -18.01 7.27
N PHE A 101 -29.04 -18.25 6.90
CA PHE A 101 -28.07 -18.88 7.79
C PHE A 101 -26.99 -17.88 8.19
N GLY A 102 -26.45 -18.07 9.38
CA GLY A 102 -25.24 -17.37 9.78
C GLY A 102 -23.99 -18.10 9.29
N GLY A 103 -22.86 -17.43 9.44
CA GLY A 103 -21.61 -17.95 8.93
C GLY A 103 -20.92 -18.97 9.80
N GLY A 104 -21.44 -19.22 11.01
CA GLY A 104 -20.86 -20.22 11.88
C GLY A 104 -19.89 -19.63 12.88
N THR A 105 -19.89 -20.18 14.09
CA THR A 105 -18.97 -19.77 15.15
C THR A 105 -18.21 -21.00 15.61
N LYS A 106 -16.88 -20.93 15.55
CA LYS A 106 -16.05 -21.99 16.10
C LYS A 106 -15.87 -21.75 17.60
N VAL A 107 -16.40 -22.67 18.41
CA VAL A 107 -16.30 -22.56 19.86
C VAL A 107 -15.24 -23.53 20.34
N THR A 108 -14.20 -23.01 20.97
CA THR A 108 -13.10 -23.82 21.47
C THR A 108 -13.20 -23.95 22.98
N VAL A 109 -13.12 -25.18 23.46
CA VAL A 109 -12.90 -25.45 24.89
C VAL A 109 -11.38 -25.51 25.07
N LEU A 110 -10.81 -24.46 25.65
CA LEU A 110 -9.36 -24.29 25.64
C LEU A 110 -8.65 -25.54 26.15
N GLY A 111 -7.81 -26.10 25.29
CA GLY A 111 -6.99 -27.25 25.64
C GLY A 111 -5.58 -26.87 26.04
N GLN A 112 -5.23 -25.60 25.91
CA GLN A 112 -3.91 -25.09 26.23
C GLN A 112 -4.00 -23.58 26.37
N PRO A 113 -2.93 -22.92 26.81
CA PRO A 113 -2.99 -21.45 26.93
C PRO A 113 -3.27 -20.78 25.59
N LYS A 114 -4.04 -19.68 25.65
CA LYS A 114 -4.23 -18.84 24.48
C LYS A 114 -2.89 -18.27 24.01
N ALA A 115 -2.78 -18.05 22.70
CA ALA A 115 -1.56 -17.50 22.11
C ALA A 115 -1.96 -16.62 20.94
N ALA A 116 -1.56 -15.35 20.99
CA ALA A 116 -1.89 -14.43 19.90
C ALA A 116 -0.94 -14.65 18.72
N PRO A 117 -1.43 -14.45 17.49
CA PRO A 117 -0.61 -14.81 16.32
C PRO A 117 0.51 -13.82 16.05
N SER A 118 1.62 -14.35 15.58
CA SER A 118 2.66 -13.56 14.93
C SER A 118 2.25 -13.34 13.47
N VAL A 119 2.19 -12.09 13.05
CA VAL A 119 1.73 -11.73 11.71
C VAL A 119 2.88 -11.06 10.98
N THR A 120 3.23 -11.61 9.82
CA THR A 120 4.28 -11.05 8.98
C THR A 120 3.77 -10.95 7.55
N LEU A 121 3.81 -9.74 7.00
CA LEU A 121 3.30 -9.45 5.66
C LEU A 121 4.48 -9.24 4.72
N PHE A 122 4.51 -10.00 3.63
CA PHE A 122 5.60 -9.94 2.67
C PHE A 122 5.14 -9.26 1.39
N PRO A 123 5.86 -8.25 0.89
CA PRO A 123 5.53 -7.69 -0.42
C PRO A 123 5.96 -8.64 -1.52
N PRO A 124 5.69 -8.30 -2.78
CA PRO A 124 6.07 -9.22 -3.87
C PRO A 124 7.57 -9.35 -3.98
N SER A 125 8.02 -10.57 -4.27
CA SER A 125 9.45 -10.83 -4.38
C SER A 125 9.96 -10.41 -5.76
N SER A 126 11.28 -10.23 -5.83
CA SER A 126 11.89 -9.81 -7.09
C SER A 126 11.61 -10.80 -8.21
N GLU A 127 11.71 -12.10 -7.91
CA GLU A 127 11.59 -13.09 -8.98
C GLU A 127 10.17 -13.15 -9.54
N GLU A 128 9.16 -13.12 -8.68
CA GLU A 128 7.80 -13.20 -9.20
C GLU A 128 7.40 -11.93 -9.93
N LEU A 129 7.94 -10.78 -9.53
CA LEU A 129 7.64 -9.55 -10.26
C LEU A 129 8.18 -9.63 -11.68
N GLN A 130 9.44 -10.07 -11.83
CA GLN A 130 10.01 -10.25 -13.16
C GLN A 130 9.35 -11.40 -13.92
N ALA A 131 8.52 -12.19 -13.25
CA ALA A 131 7.67 -13.17 -13.90
C ALA A 131 6.23 -12.67 -14.07
N ASN A 132 6.02 -11.36 -13.90
CA ASN A 132 4.70 -10.73 -14.09
C ASN A 132 3.66 -11.24 -13.10
N LYS A 133 4.08 -11.47 -11.85
CA LYS A 133 3.17 -11.76 -10.75
C LYS A 133 3.54 -10.90 -9.56
N ALA A 134 2.55 -10.58 -8.72
CA ALA A 134 2.78 -9.70 -7.57
C ALA A 134 2.03 -10.22 -6.36
N THR A 135 2.21 -11.50 -6.06
CA THR A 135 1.49 -12.11 -4.95
C THR A 135 2.04 -11.62 -3.61
N LEU A 136 1.13 -11.24 -2.71
CA LEU A 136 1.46 -10.87 -1.34
C LEU A 136 1.15 -12.04 -0.43
N VAL A 137 1.97 -12.23 0.60
CA VAL A 137 1.76 -13.31 1.57
C VAL A 137 1.69 -12.70 2.97
N CYS A 138 0.69 -13.13 3.73
CA CYS A 138 0.50 -12.76 5.13
C CYS A 138 0.68 -14.04 5.96
N LEU A 139 1.81 -14.14 6.64
CA LEU A 139 2.14 -15.32 7.43
C LEU A 139 1.61 -15.14 8.85
N ILE A 140 0.86 -16.13 9.32
CA ILE A 140 0.22 -16.10 10.64
C ILE A 140 0.63 -17.37 11.36
N SER A 141 1.33 -17.23 12.49
CA SER A 141 1.89 -18.40 13.15
C SER A 141 1.75 -18.27 14.67
N ASP A 142 1.91 -19.40 15.35
CA ASP A 142 2.09 -19.46 16.79
C ASP A 142 0.86 -18.96 17.55
N PHE A 143 -0.34 -19.31 17.07
CA PHE A 143 -1.56 -18.88 17.73
C PHE A 143 -2.38 -20.08 18.20
N TYR A 144 -3.19 -19.85 19.23
CA TYR A 144 -4.14 -20.81 19.77
C TYR A 144 -5.24 -20.02 20.45
N PRO A 145 -6.53 -20.37 20.27
CA PRO A 145 -7.09 -21.48 19.48
C PRO A 145 -6.76 -21.37 18.00
N GLY A 146 -6.92 -22.45 17.25
CA GLY A 146 -6.57 -22.45 15.84
C GLY A 146 -7.68 -21.92 14.96
N ALA A 147 -8.18 -20.74 15.28
CA ALA A 147 -9.23 -20.09 14.50
C ALA A 147 -8.81 -18.65 14.25
N VAL A 148 -8.81 -18.24 13.00
CA VAL A 148 -8.41 -16.89 12.62
C VAL A 148 -9.22 -16.49 11.40
N THR A 149 -9.50 -15.20 11.28
CA THR A 149 -10.14 -14.63 10.10
C THR A 149 -9.26 -13.52 9.55
N VAL A 150 -9.11 -13.50 8.23
CA VAL A 150 -8.21 -12.59 7.55
C VAL A 150 -9.02 -11.73 6.59
N ALA A 151 -8.72 -10.43 6.59
CA ALA A 151 -9.28 -9.51 5.61
C ALA A 151 -8.14 -8.73 4.98
N TRP A 152 -8.27 -8.43 3.69
CA TRP A 152 -7.29 -7.62 2.98
C TRP A 152 -7.95 -6.31 2.53
N LYS A 153 -7.14 -5.27 2.44
CA LYS A 153 -7.58 -3.97 1.95
C LYS A 153 -6.58 -3.45 0.94
N ALA A 154 -7.09 -3.03 -0.22
CA ALA A 154 -6.32 -2.28 -1.20
C ALA A 154 -6.51 -0.80 -0.89
N ASP A 155 -5.47 -0.15 -0.38
CA ASP A 155 -5.58 1.19 0.20
C ASP A 155 -6.56 1.06 1.36
N SER A 156 -7.71 1.74 1.33
CA SER A 156 -8.71 1.61 2.38
C SER A 156 -9.90 0.75 1.96
N SER A 157 -9.89 0.19 0.75
CA SER A 157 -11.03 -0.54 0.24
C SER A 157 -10.87 -2.03 0.45
N PRO A 158 -11.88 -2.73 0.97
CA PRO A 158 -11.78 -4.19 1.06
C PRO A 158 -11.57 -4.81 -0.31
N VAL A 159 -10.81 -5.90 -0.33
CA VAL A 159 -10.57 -6.66 -1.55
C VAL A 159 -10.91 -8.12 -1.25
N LYS A 160 -11.84 -8.69 -2.01
CA LYS A 160 -12.19 -10.09 -1.88
C LYS A 160 -11.63 -10.96 -3.00
N ALA A 161 -11.46 -10.41 -4.20
CA ALA A 161 -10.96 -11.21 -5.31
C ALA A 161 -9.46 -11.49 -5.14
N GLY A 162 -9.06 -12.70 -5.50
CA GLY A 162 -7.67 -13.09 -5.41
C GLY A 162 -7.18 -13.42 -4.02
N VAL A 163 -8.08 -13.56 -3.04
CA VAL A 163 -7.69 -13.84 -1.67
C VAL A 163 -7.83 -15.34 -1.40
N GLU A 164 -6.81 -15.93 -0.79
CA GLU A 164 -6.84 -17.33 -0.41
C GLU A 164 -6.16 -17.46 0.96
N THR A 165 -6.77 -18.24 1.83
CA THR A 165 -6.24 -18.45 3.18
C THR A 165 -6.26 -19.94 3.48
N THR A 166 -5.15 -20.46 3.99
CA THR A 166 -5.03 -21.88 4.27
C THR A 166 -5.70 -22.23 5.60
N THR A 167 -6.18 -23.46 5.69
CA THR A 167 -6.75 -23.95 6.93
C THR A 167 -5.66 -24.05 7.99
N PRO A 168 -5.85 -23.44 9.16
CA PRO A 168 -4.82 -23.54 10.20
C PRO A 168 -4.45 -24.99 10.47
N SER A 169 -3.15 -25.22 10.68
CA SER A 169 -2.63 -26.54 11.00
C SER A 169 -1.70 -26.44 12.20
N LYS A 170 -1.73 -27.46 13.04
CA LYS A 170 -0.91 -27.48 14.24
C LYS A 170 0.53 -27.77 13.85
N GLN A 171 1.46 -26.95 14.35
CA GLN A 171 2.87 -27.08 14.02
C GLN A 171 3.61 -27.76 15.17
N SER A 172 4.94 -27.86 15.06
CA SER A 172 5.71 -28.68 15.98
C SER A 172 5.71 -28.14 17.41
N ASN A 173 5.47 -26.84 17.58
CA ASN A 173 5.36 -26.27 18.93
C ASN A 173 3.95 -26.40 19.49
N ASN A 174 3.07 -27.12 18.79
CA ASN A 174 1.67 -27.35 19.19
C ASN A 174 0.83 -26.08 19.14
N LYS A 175 1.28 -25.08 18.41
CA LYS A 175 0.47 -23.91 18.07
C LYS A 175 0.19 -23.93 16.57
N TYR A 176 -0.79 -23.13 16.16
CA TYR A 176 -1.26 -23.20 14.78
C TYR A 176 -0.56 -22.17 13.89
N ALA A 177 -0.54 -22.47 12.60
CA ALA A 177 -0.01 -21.57 11.58
C ALA A 177 -0.89 -21.63 10.34
N ALA A 178 -0.88 -20.53 9.60
CA ALA A 178 -1.63 -20.43 8.36
C ALA A 178 -1.08 -19.25 7.58
N SER A 179 -1.43 -19.19 6.31
CA SER A 179 -0.98 -18.10 5.46
C SER A 179 -2.15 -17.65 4.59
N SER A 180 -2.26 -16.34 4.43
CA SER A 180 -3.20 -15.74 3.49
C SER A 180 -2.38 -15.09 2.39
N TYR A 181 -2.73 -15.37 1.14
CA TYR A 181 -2.00 -14.81 0.02
C TYR A 181 -2.97 -14.15 -0.95
N LEU A 182 -2.55 -12.99 -1.47
CA LEU A 182 -3.37 -12.15 -2.32
C LEU A 182 -2.64 -12.06 -3.67
N SER A 183 -3.24 -12.66 -4.70
CA SER A 183 -2.63 -12.72 -6.03
C SER A 183 -2.98 -11.45 -6.79
N LEU A 184 -2.01 -10.56 -6.93
CA LEU A 184 -2.18 -9.31 -7.65
C LEU A 184 -1.39 -9.33 -8.95
N THR A 185 -1.83 -8.55 -9.91
CA THR A 185 -1.00 -8.25 -11.08
C THR A 185 0.04 -7.20 -10.68
N PRO A 186 1.15 -7.12 -11.42
CA PRO A 186 2.10 -6.04 -11.15
C PRO A 186 1.45 -4.66 -11.21
N GLU A 187 0.47 -4.47 -12.10
CA GLU A 187 -0.16 -3.16 -12.22
C GLU A 187 -0.94 -2.81 -10.96
N GLN A 188 -1.72 -3.76 -10.44
CA GLN A 188 -2.46 -3.51 -9.21
C GLN A 188 -1.51 -3.14 -8.08
N TRP A 189 -0.46 -3.93 -7.89
CA TRP A 189 0.47 -3.70 -6.79
C TRP A 189 1.07 -2.29 -6.87
N LYS A 190 1.54 -1.89 -8.06
CA LYS A 190 2.24 -0.63 -8.19
C LYS A 190 1.31 0.59 -8.18
N SER A 191 0.03 0.39 -8.48
CA SER A 191 -0.89 1.50 -8.67
C SER A 191 -1.66 1.88 -7.41
N HIS A 192 -1.49 1.15 -6.31
CA HIS A 192 -2.11 1.47 -5.04
C HIS A 192 -1.08 2.03 -4.08
N ARG A 193 -1.55 2.82 -3.12
CA ARG A 193 -0.64 3.38 -2.12
C ARG A 193 -0.11 2.29 -1.18
N SER A 194 -0.90 1.27 -0.93
CA SER A 194 -0.51 0.22 -0.01
C SER A 194 -1.55 -0.90 -0.04
N TYR A 195 -1.18 -2.05 0.50
CA TYR A 195 -2.09 -3.14 0.79
C TYR A 195 -1.91 -3.53 2.24
N SER A 196 -2.99 -4.00 2.86
CA SER A 196 -2.98 -4.34 4.28
C SER A 196 -3.61 -5.71 4.51
N CYS A 197 -3.07 -6.41 5.50
CA CYS A 197 -3.56 -7.70 5.98
C CYS A 197 -4.08 -7.50 7.40
N GLN A 198 -5.36 -7.78 7.61
CA GLN A 198 -6.00 -7.66 8.92
C GLN A 198 -6.28 -9.07 9.45
N VAL A 199 -5.68 -9.41 10.58
CA VAL A 199 -5.80 -10.75 11.15
C VAL A 199 -6.56 -10.64 12.47
N THR A 200 -7.66 -11.37 12.57
CA THR A 200 -8.53 -11.36 13.73
C THR A 200 -8.43 -12.70 14.46
N HIS A 201 -8.13 -12.64 15.76
CA HIS A 201 -7.97 -13.84 16.57
C HIS A 201 -8.48 -13.55 17.97
N GLU A 202 -9.37 -14.40 18.48
CA GLU A 202 -9.96 -14.22 19.81
C GLU A 202 -10.54 -12.81 19.95
N GLY A 203 -11.29 -12.39 18.94
CA GLY A 203 -11.96 -11.11 18.96
C GLY A 203 -11.05 -9.91 18.94
N SER A 204 -9.77 -10.09 18.64
CA SER A 204 -8.79 -9.00 18.59
C SER A 204 -8.13 -8.99 17.23
N THR A 205 -7.89 -7.79 16.70
CA THR A 205 -7.46 -7.61 15.32
C THR A 205 -6.09 -6.97 15.26
N VAL A 206 -5.21 -7.55 14.45
CA VAL A 206 -3.90 -7.01 14.13
C VAL A 206 -3.91 -6.61 12.65
N GLU A 207 -3.24 -5.51 12.33
CA GLU A 207 -3.15 -5.03 10.96
C GLU A 207 -1.71 -4.76 10.58
N LYS A 208 -1.31 -5.26 9.40
CA LYS A 208 0.00 -5.01 8.82
C LYS A 208 -0.19 -4.44 7.42
N THR A 209 0.74 -3.58 7.01
CA THR A 209 0.64 -2.87 5.75
C THR A 209 1.98 -2.91 5.02
N VAL A 210 1.92 -3.01 3.69
CA VAL A 210 3.11 -2.96 2.85
C VAL A 210 2.81 -2.08 1.64
N ALA A 211 3.85 -1.51 1.06
CA ALA A 211 3.73 -0.59 -0.06
C ALA A 211 4.89 -0.81 -1.01
N PRO A 212 4.72 -0.47 -2.28
CA PRO A 212 5.83 -0.63 -3.25
C PRO A 212 6.98 0.30 -2.92
N THR A 213 8.18 -0.16 -3.25
CA THR A 213 9.39 0.62 -3.00
C THR A 213 10.23 0.69 -4.28
N GLU A 214 11.13 1.66 -4.31
CA GLU A 214 11.97 1.90 -5.48
C GLU A 214 13.07 0.87 -5.65
N CYS A 215 13.11 -0.17 -4.83
CA CYS A 215 14.17 -1.18 -4.93
C CYS A 215 13.82 -2.40 -4.09
N SER B 2 -32.59 -40.22 15.72
CA SER B 2 -32.19 -41.17 14.69
C SER B 2 -31.71 -40.44 13.44
N ALA B 3 -30.62 -40.94 12.84
CA ALA B 3 -30.11 -40.34 11.62
C ALA B 3 -30.87 -40.89 10.40
N LEU B 4 -30.90 -40.09 9.35
CA LEU B 4 -31.29 -40.60 8.05
C LEU B 4 -30.11 -41.39 7.46
N THR B 5 -30.44 -42.28 6.53
CA THR B 5 -29.48 -43.24 6.00
C THR B 5 -28.93 -42.74 4.67
N GLN B 6 -27.61 -42.49 4.64
CA GLN B 6 -26.89 -42.15 3.44
C GLN B 6 -25.73 -43.12 3.25
N PRO B 7 -25.35 -43.43 2.02
CA PRO B 7 -24.11 -44.21 1.82
C PRO B 7 -22.91 -43.41 2.30
N PRO B 8 -21.93 -44.03 2.94
CA PRO B 8 -20.76 -43.27 3.39
C PRO B 8 -19.95 -42.68 2.26
N SER B 9 -20.00 -43.25 1.07
CA SER B 9 -19.17 -42.78 -0.04
C SER B 9 -19.85 -43.03 -1.36
N ALA B 10 -19.55 -42.16 -2.33
CA ALA B 10 -19.96 -42.31 -3.72
C ALA B 10 -18.87 -41.67 -4.57
N SER B 11 -18.90 -41.94 -5.87
CA SER B 11 -17.86 -41.42 -6.74
C SER B 11 -18.31 -41.37 -8.19
N GLY B 12 -17.55 -40.62 -8.97
CA GLY B 12 -17.75 -40.54 -10.41
C GLY B 12 -16.59 -39.80 -11.04
N SER B 13 -16.48 -39.96 -12.35
CA SER B 13 -15.40 -39.30 -13.08
C SER B 13 -15.84 -37.94 -13.60
N PRO B 14 -14.89 -37.08 -13.97
CA PRO B 14 -15.26 -35.76 -14.52
C PRO B 14 -16.19 -35.93 -15.72
N GLY B 15 -17.28 -35.17 -15.73
CA GLY B 15 -18.27 -35.23 -16.77
C GLY B 15 -19.35 -36.28 -16.55
N GLN B 16 -19.14 -37.22 -15.64
CA GLN B 16 -20.12 -38.25 -15.36
C GLN B 16 -21.17 -37.72 -14.37
N SER B 17 -22.17 -38.55 -14.14
CA SER B 17 -23.21 -38.27 -13.15
C SER B 17 -23.06 -39.21 -11.96
N VAL B 18 -23.53 -38.75 -10.81
CA VAL B 18 -23.57 -39.57 -9.60
C VAL B 18 -24.89 -39.27 -8.88
N THR B 19 -25.53 -40.31 -8.37
CA THR B 19 -26.75 -40.18 -7.60
C THR B 19 -26.51 -40.77 -6.22
N ILE B 20 -26.94 -40.05 -5.19
CA ILE B 20 -26.79 -40.48 -3.81
C ILE B 20 -28.15 -40.40 -3.13
N SER B 21 -28.41 -41.34 -2.23
CA SER B 21 -29.74 -41.51 -1.67
C SER B 21 -29.75 -41.15 -0.18
N CYS B 22 -30.95 -40.88 0.31
CA CYS B 22 -31.18 -40.46 1.70
C CYS B 22 -32.50 -41.11 2.11
N THR B 23 -32.41 -42.16 2.94
CA THR B 23 -33.59 -42.96 3.30
C THR B 23 -34.02 -42.63 4.73
N GLY B 24 -35.26 -42.18 4.88
CA GLY B 24 -35.82 -41.92 6.19
C GLY B 24 -37.03 -42.79 6.47
N THR B 25 -37.99 -42.26 7.22
CA THR B 25 -39.20 -43.00 7.58
C THR B 25 -40.42 -42.24 7.09
N SER B 26 -41.60 -42.84 7.27
CA SER B 26 -42.84 -42.24 6.79
C SER B 26 -43.14 -40.91 7.46
N SER B 27 -42.61 -40.68 8.66
CA SER B 27 -42.91 -39.47 9.41
C SER B 27 -41.83 -38.39 9.28
N ASP B 28 -40.81 -38.60 8.44
CA ASP B 28 -39.92 -37.50 8.10
C ASP B 28 -39.80 -37.38 6.58
N VAL B 29 -38.84 -38.09 5.97
CA VAL B 29 -38.65 -37.97 4.52
C VAL B 29 -39.94 -38.30 3.77
N GLY B 30 -40.58 -39.41 4.16
CA GLY B 30 -41.80 -39.82 3.49
C GLY B 30 -43.05 -39.08 3.90
N GLY B 31 -42.93 -38.07 4.76
CA GLY B 31 -44.09 -37.42 5.32
C GLY B 31 -44.42 -36.07 4.73
N SER B 32 -43.42 -35.38 4.20
CA SER B 32 -43.64 -34.05 3.65
C SER B 32 -42.53 -33.75 2.64
N ASP B 33 -42.68 -32.62 1.95
CA ASP B 33 -41.69 -32.17 0.97
C ASP B 33 -40.68 -31.21 1.59
N SER B 34 -40.17 -31.53 2.78
CA SER B 34 -39.24 -30.64 3.47
C SER B 34 -37.87 -31.30 3.57
N VAL B 35 -37.38 -31.84 2.46
CA VAL B 35 -36.07 -32.46 2.39
C VAL B 35 -35.08 -31.44 1.83
N SER B 36 -33.90 -31.37 2.45
CA SER B 36 -32.85 -30.46 2.05
C SER B 36 -31.55 -31.23 1.84
N TRP B 37 -30.67 -30.67 1.01
CA TRP B 37 -29.35 -31.22 0.76
C TRP B 37 -28.31 -30.13 0.97
N TYR B 38 -27.20 -30.49 1.59
CA TYR B 38 -26.10 -29.57 1.84
C TYR B 38 -24.81 -30.12 1.25
N GLN B 39 -23.97 -29.21 0.77
CA GLN B 39 -22.62 -29.51 0.33
C GLN B 39 -21.63 -28.86 1.30
N GLN B 40 -20.61 -29.61 1.72
CA GLN B 40 -19.63 -29.06 2.65
C GLN B 40 -18.24 -29.57 2.28
N HIS B 41 -17.32 -28.63 2.03
CA HIS B 41 -15.91 -28.97 1.91
C HIS B 41 -15.27 -29.00 3.29
N PRO B 42 -14.29 -29.89 3.51
CA PRO B 42 -13.71 -30.03 4.86
C PRO B 42 -13.20 -28.69 5.39
N GLY B 43 -13.56 -28.41 6.64
CA GLY B 43 -13.11 -27.20 7.31
C GLY B 43 -13.79 -25.93 6.89
N LYS B 44 -14.88 -26.01 6.13
CA LYS B 44 -15.61 -24.84 5.68
C LYS B 44 -17.07 -24.94 6.12
N ALA B 45 -17.75 -23.80 6.10
CA ALA B 45 -19.18 -23.78 6.32
C ALA B 45 -19.88 -24.52 5.18
N PRO B 46 -21.00 -25.16 5.46
CA PRO B 46 -21.74 -25.85 4.40
C PRO B 46 -22.51 -24.86 3.53
N LYS B 47 -23.06 -25.38 2.44
CA LYS B 47 -23.94 -24.61 1.56
C LYS B 47 -25.18 -25.43 1.26
N LEU B 48 -26.35 -24.89 1.60
CA LEU B 48 -27.59 -25.50 1.17
C LEU B 48 -27.70 -25.45 -0.35
N ILE B 49 -27.86 -26.61 -0.97
CA ILE B 49 -27.96 -26.69 -2.42
C ILE B 49 -29.35 -27.11 -2.89
N ILE B 50 -30.14 -27.78 -2.05
CA ILE B 50 -31.50 -28.15 -2.37
C ILE B 50 -32.38 -27.93 -1.14
N TYR B 51 -33.55 -27.34 -1.35
CA TYR B 51 -34.60 -27.28 -0.34
C TYR B 51 -35.92 -27.71 -0.96
N GLU B 52 -36.85 -28.14 -0.12
CA GLU B 52 -38.15 -28.65 -0.54
C GLU B 52 -38.00 -29.68 -1.64
N VAL B 53 -37.08 -30.62 -1.40
CA VAL B 53 -36.86 -31.80 -2.23
C VAL B 53 -36.08 -31.49 -3.50
N SER B 54 -36.44 -30.40 -4.19
CA SER B 54 -35.96 -30.19 -5.55
C SER B 54 -35.58 -28.75 -5.87
N GLN B 55 -35.75 -27.81 -4.97
CA GLN B 55 -35.56 -26.40 -5.27
C GLN B 55 -34.10 -26.00 -5.02
N ARG B 56 -33.52 -25.26 -5.96
CA ARG B 56 -32.14 -24.79 -5.82
C ARG B 56 -32.12 -23.33 -5.42
N PRO B 57 -31.35 -22.96 -4.40
CA PRO B 57 -31.13 -21.53 -4.14
C PRO B 57 -30.45 -20.88 -5.34
N SER B 58 -30.65 -19.56 -5.45
CA SER B 58 -29.99 -18.81 -6.51
C SER B 58 -28.48 -19.01 -6.44
N GLY B 59 -27.85 -19.17 -7.59
CA GLY B 59 -26.42 -19.37 -7.67
C GLY B 59 -25.97 -20.82 -7.63
N VAL B 60 -26.85 -21.75 -7.28
CA VAL B 60 -26.50 -23.17 -7.28
C VAL B 60 -26.67 -23.70 -8.70
N PRO B 61 -25.64 -24.31 -9.30
CA PRO B 61 -25.77 -24.74 -10.69
C PRO B 61 -26.88 -25.76 -10.87
N ASN B 62 -27.51 -25.69 -12.04
CA ASN B 62 -28.60 -26.63 -12.34
C ASN B 62 -28.09 -28.04 -12.59
N ARG B 63 -26.79 -28.29 -12.43
CA ARG B 63 -26.27 -29.64 -12.45
C ARG B 63 -26.71 -30.45 -11.24
N PHE B 64 -27.19 -29.79 -10.19
CA PHE B 64 -27.66 -30.44 -8.98
C PHE B 64 -29.18 -30.57 -9.04
N SER B 65 -29.69 -31.78 -8.84
CA SER B 65 -31.13 -32.02 -8.88
C SER B 65 -31.53 -32.97 -7.78
N GLY B 66 -32.67 -32.70 -7.16
CA GLY B 66 -33.16 -33.51 -6.06
C GLY B 66 -34.54 -34.06 -6.38
N SER B 67 -34.80 -35.28 -5.92
CA SER B 67 -36.11 -35.90 -6.09
C SER B 67 -36.38 -36.76 -4.87
N LYS B 68 -37.57 -37.37 -4.86
CA LYS B 68 -38.02 -38.13 -3.70
C LYS B 68 -39.03 -39.16 -4.16
N SER B 69 -38.92 -40.37 -3.62
CA SER B 69 -39.88 -41.43 -3.87
C SER B 69 -40.08 -42.19 -2.56
N GLY B 70 -41.31 -42.17 -2.06
CA GLY B 70 -41.59 -42.83 -0.79
C GLY B 70 -40.71 -42.25 0.31
N ASN B 71 -39.96 -43.12 0.97
CA ASN B 71 -39.15 -42.74 2.12
C ASN B 71 -37.72 -42.36 1.76
N THR B 72 -37.39 -42.26 0.48
CA THR B 72 -36.01 -42.09 0.04
C THR B 72 -35.90 -40.90 -0.90
N ALA B 73 -35.08 -39.93 -0.51
CA ALA B 73 -34.73 -38.79 -1.35
C ALA B 73 -33.40 -39.07 -2.04
N SER B 74 -33.22 -38.46 -3.21
CA SER B 74 -32.03 -38.68 -3.99
C SER B 74 -31.53 -37.37 -4.57
N LEU B 75 -30.21 -37.18 -4.50
CA LEU B 75 -29.53 -36.05 -5.11
C LEU B 75 -28.71 -36.57 -6.29
N THR B 76 -28.84 -35.91 -7.44
CA THR B 76 -28.07 -36.25 -8.62
C THR B 76 -27.21 -35.05 -9.01
N VAL B 77 -25.93 -35.29 -9.24
CA VAL B 77 -24.99 -34.28 -9.71
C VAL B 77 -24.54 -34.72 -11.09
N SER B 78 -24.97 -33.98 -12.11
CA SER B 78 -24.53 -34.25 -13.47
C SER B 78 -23.29 -33.44 -13.80
N GLY B 79 -22.58 -33.88 -14.85
CA GLY B 79 -21.39 -33.21 -15.31
C GLY B 79 -20.42 -32.91 -14.19
N LEU B 80 -20.02 -33.95 -13.44
CA LEU B 80 -19.20 -33.75 -12.25
C LEU B 80 -17.99 -32.89 -12.54
N GLN B 81 -17.73 -31.93 -11.65
CA GLN B 81 -16.56 -31.07 -11.70
C GLN B 81 -15.75 -31.27 -10.42
N ALA B 82 -14.47 -30.88 -10.48
CA ALA B 82 -13.59 -31.03 -9.33
C ALA B 82 -14.20 -30.38 -8.08
N GLU B 83 -14.85 -29.22 -8.25
CA GLU B 83 -15.44 -28.56 -7.09
C GLU B 83 -16.55 -29.37 -6.44
N ASP B 84 -17.05 -30.40 -7.09
CA ASP B 84 -18.11 -31.22 -6.52
C ASP B 84 -17.61 -32.25 -5.52
N ASP B 85 -16.29 -32.44 -5.42
CA ASP B 85 -15.71 -33.37 -4.45
C ASP B 85 -15.91 -32.77 -3.05
N ALA B 86 -16.75 -33.39 -2.25
CA ALA B 86 -17.16 -32.80 -0.96
C ALA B 86 -18.03 -33.81 -0.21
N ASP B 87 -18.39 -33.45 1.02
CA ASP B 87 -19.39 -34.19 1.77
C ASP B 87 -20.78 -33.63 1.46
N TYR B 88 -21.77 -34.52 1.39
CA TYR B 88 -23.15 -34.13 1.13
C TYR B 88 -24.05 -34.69 2.22
N TYR B 89 -24.83 -33.82 2.84
CA TYR B 89 -25.75 -34.19 3.90
C TYR B 89 -27.18 -33.95 3.45
N CYS B 90 -28.08 -34.83 3.86
CA CYS B 90 -29.50 -34.58 3.68
C CYS B 90 -30.13 -34.29 5.04
N SER B 91 -31.30 -33.65 5.00
CA SER B 91 -32.05 -33.38 6.22
C SER B 91 -33.53 -33.43 5.88
N SER B 92 -34.34 -33.70 6.90
CA SER B 92 -35.79 -33.72 6.74
C SER B 92 -36.42 -33.35 8.08
N TYR B 93 -37.36 -32.41 8.04
CA TYR B 93 -38.18 -32.14 9.22
C TYR B 93 -39.16 -33.29 9.42
N GLY B 94 -39.40 -33.63 10.68
CA GLY B 94 -40.39 -34.63 11.01
C GLY B 94 -41.54 -34.02 11.76
N GLY B 95 -42.13 -34.77 12.68
CA GLY B 95 -43.07 -34.20 13.61
C GLY B 95 -42.37 -33.69 14.85
N ASP B 96 -43.11 -32.94 15.66
CA ASP B 96 -42.61 -32.50 16.96
C ASP B 96 -41.44 -31.53 16.82
N ASN B 97 -41.42 -30.76 15.74
CA ASN B 97 -40.32 -29.84 15.43
C ASN B 97 -38.97 -30.57 15.32
N ASN B 98 -39.00 -31.86 15.04
CA ASN B 98 -37.76 -32.62 14.86
C ASN B 98 -37.14 -32.28 13.52
N LEU B 99 -35.80 -32.23 13.49
CA LEU B 99 -35.04 -32.09 12.25
C LEU B 99 -34.02 -33.23 12.22
N PHE B 100 -34.13 -34.10 11.23
CA PHE B 100 -33.27 -35.28 11.11
C PHE B 100 -32.21 -35.02 10.06
N PHE B 101 -31.01 -35.52 10.32
CA PHE B 101 -29.88 -35.37 9.40
C PHE B 101 -29.34 -36.75 9.03
N GLY B 102 -28.93 -36.88 7.77
CA GLY B 102 -28.17 -38.05 7.37
C GLY B 102 -26.75 -37.99 7.88
N GLY B 103 -26.08 -39.14 7.81
CA GLY B 103 -24.70 -39.23 8.27
C GLY B 103 -23.67 -38.66 7.32
N GLY B 104 -24.07 -38.30 6.11
CA GLY B 104 -23.17 -37.67 5.16
C GLY B 104 -22.58 -38.65 4.18
N THR B 105 -22.47 -38.22 2.92
CA THR B 105 -21.83 -39.01 1.87
C THR B 105 -20.63 -38.22 1.36
N LYS B 106 -19.45 -38.83 1.39
CA LYS B 106 -18.27 -38.26 0.74
C LYS B 106 -18.34 -38.61 -0.74
N VAL B 107 -18.52 -37.61 -1.59
CA VAL B 107 -18.52 -37.79 -3.04
C VAL B 107 -17.12 -37.48 -3.55
N THR B 108 -16.48 -38.47 -4.16
CA THR B 108 -15.15 -38.32 -4.71
C THR B 108 -15.26 -38.15 -6.22
N VAL B 109 -14.57 -37.14 -6.75
CA VAL B 109 -14.43 -36.98 -8.19
C VAL B 109 -13.11 -37.65 -8.57
N LEU B 110 -13.21 -38.78 -9.26
CA LEU B 110 -12.04 -39.60 -9.54
C LEU B 110 -11.16 -38.97 -10.62
N GLY B 111 -9.89 -39.34 -10.61
CA GLY B 111 -8.97 -38.97 -11.66
C GLY B 111 -8.90 -37.49 -11.96
N GLN B 112 -8.76 -36.68 -10.92
CA GLN B 112 -8.57 -35.25 -11.13
C GLN B 112 -7.16 -34.98 -11.66
N PRO B 113 -6.98 -33.92 -12.44
CA PRO B 113 -5.68 -33.72 -13.11
C PRO B 113 -4.56 -33.43 -12.11
N LYS B 114 -3.41 -34.05 -12.35
CA LYS B 114 -2.23 -33.75 -11.55
C LYS B 114 -1.74 -32.34 -11.88
N ALA B 115 -1.17 -31.68 -10.87
CA ALA B 115 -0.72 -30.31 -11.03
C ALA B 115 0.52 -30.09 -10.18
N ALA B 116 1.61 -29.69 -10.81
CA ALA B 116 2.83 -29.38 -10.08
C ALA B 116 2.67 -28.07 -9.33
N PRO B 117 3.33 -27.91 -8.18
CA PRO B 117 3.14 -26.70 -7.39
C PRO B 117 3.78 -25.47 -8.02
N SER B 118 3.13 -24.34 -7.80
CA SER B 118 3.75 -23.04 -7.98
C SER B 118 4.43 -22.65 -6.67
N VAL B 119 5.70 -22.28 -6.74
CA VAL B 119 6.51 -21.99 -5.56
C VAL B 119 7.02 -20.56 -5.67
N THR B 120 6.77 -19.77 -4.62
CA THR B 120 7.30 -18.42 -4.52
C THR B 120 7.98 -18.27 -3.17
N LEU B 121 9.27 -17.92 -3.19
CA LEU B 121 10.06 -17.75 -1.98
C LEU B 121 10.19 -16.27 -1.68
N PHE B 122 9.84 -15.88 -0.44
CA PHE B 122 9.89 -14.49 -0.02
C PHE B 122 11.01 -14.28 0.98
N PRO B 123 11.87 -13.29 0.76
CA PRO B 123 12.89 -12.96 1.78
C PRO B 123 12.29 -12.13 2.89
N PRO B 124 13.05 -11.86 3.95
CA PRO B 124 12.49 -11.09 5.07
C PRO B 124 12.07 -9.70 4.64
N SER B 125 10.94 -9.24 5.18
CA SER B 125 10.46 -7.89 4.94
C SER B 125 11.26 -6.91 5.78
N SER B 126 11.25 -5.65 5.34
CA SER B 126 12.01 -4.62 6.04
C SER B 126 11.47 -4.40 7.46
N GLU B 127 10.16 -4.46 7.62
CA GLU B 127 9.59 -4.23 8.95
C GLU B 127 10.11 -5.25 9.96
N GLU B 128 10.23 -6.52 9.55
CA GLU B 128 10.63 -7.55 10.51
C GLU B 128 12.13 -7.53 10.76
N LEU B 129 12.94 -7.22 9.75
CA LEU B 129 14.36 -6.99 9.98
C LEU B 129 14.58 -5.82 10.92
N GLN B 130 13.66 -4.84 10.90
CA GLN B 130 13.73 -3.75 11.87
C GLN B 130 13.44 -4.23 13.28
N ALA B 131 12.44 -5.09 13.43
CA ALA B 131 12.09 -5.69 14.71
C ALA B 131 12.97 -6.90 15.06
N ASN B 132 14.14 -7.00 14.44
CA ASN B 132 15.13 -8.03 14.78
C ASN B 132 14.60 -9.43 14.51
N LYS B 133 13.94 -9.61 13.37
CA LYS B 133 13.48 -10.92 12.93
C LYS B 133 13.75 -11.05 11.44
N ALA B 134 13.86 -12.28 10.97
CA ALA B 134 14.18 -12.54 9.56
C ALA B 134 13.53 -13.83 9.08
N THR B 135 12.22 -13.93 9.19
CA THR B 135 11.50 -15.11 8.71
C THR B 135 11.41 -15.11 7.19
N LEU B 136 11.64 -16.28 6.60
CA LEU B 136 11.43 -16.50 5.18
C LEU B 136 10.19 -17.38 5.02
N VAL B 137 9.41 -17.14 3.96
CA VAL B 137 8.22 -17.95 3.69
C VAL B 137 8.28 -18.48 2.27
N CYS B 138 8.06 -19.77 2.12
CA CYS B 138 7.99 -20.46 0.84
C CYS B 138 6.53 -20.78 0.58
N LEU B 139 5.89 -20.02 -0.30
CA LEU B 139 4.48 -20.22 -0.62
C LEU B 139 4.34 -21.25 -1.72
N ILE B 140 3.51 -22.26 -1.47
CA ILE B 140 3.34 -23.40 -2.35
C ILE B 140 1.85 -23.53 -2.64
N SER B 141 1.47 -23.37 -3.91
CA SER B 141 0.06 -23.32 -4.28
C SER B 141 -0.18 -24.10 -5.56
N ASP B 142 -1.45 -24.34 -5.85
CA ASP B 142 -1.94 -24.84 -7.13
C ASP B 142 -1.50 -26.27 -7.43
N PHE B 143 -1.21 -27.08 -6.42
CA PHE B 143 -0.76 -28.44 -6.67
C PHE B 143 -1.83 -29.45 -6.33
N TYR B 144 -1.74 -30.61 -6.99
CA TYR B 144 -2.68 -31.70 -6.81
C TYR B 144 -1.99 -32.98 -7.26
N PRO B 145 -2.11 -34.09 -6.51
CA PRO B 145 -2.84 -34.26 -5.24
C PRO B 145 -2.19 -33.47 -4.10
N GLY B 146 -2.84 -33.40 -2.94
CA GLY B 146 -2.45 -32.48 -1.89
C GLY B 146 -1.43 -32.99 -0.91
N ALA B 147 -0.22 -33.30 -1.38
CA ALA B 147 0.86 -33.70 -0.50
C ALA B 147 2.19 -33.22 -1.08
N VAL B 148 3.00 -32.57 -0.24
CA VAL B 148 4.32 -32.10 -0.63
C VAL B 148 5.28 -32.32 0.53
N THR B 149 6.57 -32.35 0.21
CA THR B 149 7.63 -32.31 1.21
C THR B 149 8.57 -31.16 0.87
N VAL B 150 9.14 -30.56 1.90
CA VAL B 150 9.90 -29.33 1.78
C VAL B 150 11.26 -29.52 2.45
N ALA B 151 12.31 -29.04 1.79
CA ALA B 151 13.64 -29.01 2.36
C ALA B 151 14.25 -27.65 2.07
N TRP B 152 14.99 -27.13 3.05
CA TRP B 152 15.60 -25.81 2.98
C TRP B 152 17.11 -25.94 2.92
N LYS B 153 17.75 -24.98 2.26
CA LYS B 153 19.20 -24.91 2.18
C LYS B 153 19.69 -23.54 2.64
N ALA B 154 20.79 -23.55 3.39
CA ALA B 154 21.56 -22.35 3.69
C ALA B 154 22.84 -22.44 2.85
N ASP B 155 23.01 -21.49 1.92
CA ASP B 155 23.96 -21.69 0.82
C ASP B 155 23.61 -23.02 0.17
N SER B 156 24.56 -23.96 0.11
CA SER B 156 24.31 -25.28 -0.44
C SER B 156 24.06 -26.33 0.63
N SER B 157 23.97 -25.92 1.92
CA SER B 157 23.94 -26.92 3.00
C SER B 157 22.53 -27.10 3.55
N PRO B 158 22.19 -28.31 4.01
CA PRO B 158 20.84 -28.52 4.54
C PRO B 158 20.58 -27.68 5.78
N VAL B 159 19.36 -27.18 5.89
CA VAL B 159 18.86 -26.52 7.09
C VAL B 159 18.11 -27.57 7.89
N LYS B 160 18.60 -27.87 9.10
CA LYS B 160 18.05 -28.94 9.90
C LYS B 160 17.19 -28.46 11.06
N ALA B 161 17.04 -27.15 11.25
CA ALA B 161 16.29 -26.62 12.39
C ALA B 161 15.54 -25.37 12.00
N GLY B 162 14.44 -25.11 12.72
CA GLY B 162 13.69 -23.89 12.55
C GLY B 162 12.72 -23.88 11.39
N VAL B 163 12.40 -25.03 10.83
CA VAL B 163 11.49 -25.14 9.70
C VAL B 163 10.13 -25.59 10.19
N GLU B 164 9.08 -24.99 9.64
CA GLU B 164 7.70 -25.44 9.82
C GLU B 164 7.02 -25.42 8.46
N THR B 165 6.21 -26.44 8.18
CA THR B 165 5.43 -26.49 6.96
C THR B 165 3.98 -26.84 7.31
N THR B 166 3.04 -26.05 6.79
CA THR B 166 1.63 -26.25 7.10
C THR B 166 1.08 -27.45 6.33
N THR B 167 0.05 -28.06 6.90
CA THR B 167 -0.64 -29.15 6.23
C THR B 167 -1.41 -28.61 5.04
N PRO B 168 -1.22 -29.17 3.84
CA PRO B 168 -1.89 -28.60 2.66
C PRO B 168 -3.40 -28.54 2.85
N SER B 169 -4.01 -27.51 2.26
CA SER B 169 -5.46 -27.35 2.29
C SER B 169 -5.94 -26.94 0.90
N LYS B 170 -7.13 -27.41 0.54
CA LYS B 170 -7.69 -27.11 -0.76
C LYS B 170 -8.22 -25.68 -0.78
N GLN B 171 -8.00 -25.00 -1.90
CA GLN B 171 -8.38 -23.60 -2.07
C GLN B 171 -9.46 -23.48 -3.14
N SER B 172 -9.86 -22.25 -3.44
CA SER B 172 -11.03 -22.03 -4.28
C SER B 172 -10.83 -22.51 -5.71
N ASN B 173 -9.59 -22.73 -6.15
CA ASN B 173 -9.32 -23.30 -7.46
C ASN B 173 -9.31 -24.82 -7.44
N ASN B 174 -9.72 -25.45 -6.33
CA ASN B 174 -9.80 -26.89 -6.20
C ASN B 174 -8.44 -27.56 -6.17
N LYS B 175 -7.38 -26.79 -5.98
CA LYS B 175 -6.03 -27.30 -5.82
C LYS B 175 -5.50 -26.85 -4.46
N TYR B 176 -4.40 -27.47 -4.04
CA TYR B 176 -3.92 -27.34 -2.67
C TYR B 176 -2.88 -26.24 -2.52
N ALA B 177 -2.78 -25.73 -1.31
CA ALA B 177 -1.82 -24.69 -0.96
C ALA B 177 -1.23 -25.01 0.40
N ALA B 178 0.01 -24.58 0.59
CA ALA B 178 0.69 -24.74 1.86
C ALA B 178 1.79 -23.70 1.94
N SER B 179 2.28 -23.46 3.16
CA SER B 179 3.39 -22.57 3.42
C SER B 179 4.44 -23.31 4.25
N SER B 180 5.70 -23.08 3.91
CA SER B 180 6.83 -23.47 4.75
C SER B 180 7.56 -22.20 5.13
N TYR B 181 7.87 -22.04 6.42
CA TYR B 181 8.51 -20.82 6.88
C TYR B 181 9.73 -21.18 7.73
N LEU B 182 10.80 -20.43 7.50
CA LEU B 182 12.08 -20.66 8.16
C LEU B 182 12.39 -19.46 9.03
N SER B 183 12.47 -19.68 10.33
CA SER B 183 12.75 -18.62 11.29
C SER B 183 14.27 -18.45 11.40
N LEU B 184 14.77 -17.30 10.98
CA LEU B 184 16.17 -16.95 11.13
C LEU B 184 16.29 -15.67 11.94
N THR B 185 17.47 -15.48 12.52
CA THR B 185 17.86 -14.17 13.03
C THR B 185 18.38 -13.32 11.89
N PRO B 186 18.34 -12.00 12.02
CA PRO B 186 18.95 -11.16 10.98
C PRO B 186 20.42 -11.52 10.71
N GLU B 187 21.14 -11.96 11.74
CA GLU B 187 22.55 -12.28 11.57
C GLU B 187 22.74 -13.52 10.69
N GLN B 188 21.91 -14.54 10.89
CA GLN B 188 21.96 -15.71 10.02
C GLN B 188 21.63 -15.32 8.58
N TRP B 189 20.61 -14.47 8.40
CA TRP B 189 20.18 -14.09 7.06
C TRP B 189 21.28 -13.34 6.32
N LYS B 190 21.97 -12.44 7.00
CA LYS B 190 22.97 -11.60 6.35
C LYS B 190 24.29 -12.32 6.10
N SER B 191 24.60 -13.37 6.87
CA SER B 191 25.90 -14.02 6.76
C SER B 191 25.98 -14.94 5.55
N HIS B 192 24.88 -15.59 5.20
CA HIS B 192 24.91 -16.56 4.11
C HIS B 192 24.71 -15.87 2.76
N ARG B 193 25.16 -16.56 1.70
CA ARG B 193 25.02 -16.04 0.35
C ARG B 193 23.56 -16.08 -0.10
N SER B 194 22.83 -17.11 0.31
CA SER B 194 21.44 -17.27 -0.11
C SER B 194 20.79 -18.36 0.72
N TYR B 195 19.47 -18.42 0.65
CA TYR B 195 18.68 -19.52 1.19
C TYR B 195 17.78 -20.05 0.08
N SER B 196 17.49 -21.34 0.14
CA SER B 196 16.70 -22.00 -0.90
C SER B 196 15.62 -22.87 -0.28
N CYS B 197 14.46 -22.86 -0.92
CA CYS B 197 13.34 -23.75 -0.60
C CYS B 197 13.22 -24.77 -1.71
N GLN B 198 13.17 -26.05 -1.36
CA GLN B 198 13.03 -27.13 -2.32
C GLN B 198 11.75 -27.91 -2.01
N VAL B 199 10.82 -27.88 -2.96
CA VAL B 199 9.50 -28.49 -2.79
C VAL B 199 9.41 -29.72 -3.67
N THR B 200 9.17 -30.87 -3.05
CA THR B 200 9.03 -32.14 -3.77
C THR B 200 7.55 -32.53 -3.82
N HIS B 201 7.05 -32.75 -5.02
CA HIS B 201 5.65 -33.12 -5.23
C HIS B 201 5.61 -34.23 -6.26
N GLU B 202 5.17 -35.42 -5.84
CA GLU B 202 5.02 -36.56 -6.75
C GLU B 202 6.34 -36.86 -7.48
N GLY B 203 7.45 -36.78 -6.74
CA GLY B 203 8.74 -37.13 -7.25
C GLY B 203 9.48 -36.04 -8.00
N SER B 204 8.85 -34.89 -8.24
CA SER B 204 9.49 -33.78 -8.93
C SER B 204 9.76 -32.65 -7.93
N THR B 205 10.89 -31.99 -8.07
CA THR B 205 11.34 -30.98 -7.12
C THR B 205 11.41 -29.62 -7.79
N VAL B 206 10.80 -28.62 -7.16
CA VAL B 206 10.90 -27.23 -7.55
C VAL B 206 11.77 -26.53 -6.50
N GLU B 207 12.78 -25.81 -6.95
CA GLU B 207 13.72 -25.12 -6.07
C GLU B 207 13.72 -23.63 -6.36
N LYS B 208 13.61 -22.82 -5.30
CA LYS B 208 13.73 -21.37 -5.41
C LYS B 208 14.81 -20.90 -4.45
N THR B 209 15.42 -19.77 -4.79
CA THR B 209 16.54 -19.21 -4.05
C THR B 209 16.36 -17.71 -3.90
N VAL B 210 16.67 -17.19 -2.71
CA VAL B 210 16.67 -15.75 -2.46
C VAL B 210 17.92 -15.39 -1.68
N ALA B 211 18.39 -14.17 -1.87
CA ALA B 211 19.64 -13.69 -1.29
C ALA B 211 19.43 -12.33 -0.65
N PRO B 212 20.28 -11.96 0.31
CA PRO B 212 20.18 -10.63 0.91
C PRO B 212 20.25 -9.53 -0.15
N THR B 213 19.31 -8.58 -0.06
CA THR B 213 19.15 -7.58 -1.11
C THR B 213 20.35 -6.64 -1.14
N GLU B 214 20.31 -5.71 -2.10
CA GLU B 214 21.39 -4.75 -2.32
C GLU B 214 20.82 -3.34 -2.44
N CYS B 215 19.75 -3.05 -1.72
CA CYS B 215 19.06 -1.76 -1.82
C CYS B 215 19.38 -0.86 -0.63
N ALA C 3 26.82 15.24 -8.11
CA ALA C 3 27.89 14.25 -8.10
C ALA C 3 27.67 13.25 -6.95
N LEU C 4 27.37 13.76 -5.77
CA LEU C 4 27.06 12.92 -4.63
C LEU C 4 25.55 12.71 -4.54
N THR C 5 25.16 11.55 -4.01
CA THR C 5 23.76 11.15 -3.96
C THR C 5 23.26 11.17 -2.52
N GLN C 6 22.25 12.00 -2.26
CA GLN C 6 21.54 12.01 -1.00
C GLN C 6 20.07 11.68 -1.25
N PRO C 7 19.41 10.99 -0.33
CA PRO C 7 17.95 10.81 -0.45
C PRO C 7 17.26 12.16 -0.48
N PRO C 8 16.22 12.32 -1.31
CA PRO C 8 15.52 13.62 -1.34
C PRO C 8 14.87 14.01 -0.03
N SER C 9 14.42 13.05 0.77
CA SER C 9 13.68 13.40 1.98
C SER C 9 13.86 12.33 3.04
N ALA C 10 13.60 12.73 4.29
CA ALA C 10 13.64 11.87 5.46
C ALA C 10 12.78 12.54 6.52
N SER C 11 12.35 11.76 7.52
CA SER C 11 11.50 12.34 8.54
C SER C 11 11.56 11.53 9.83
N GLY C 12 11.15 12.18 10.91
CA GLY C 12 10.95 11.53 12.18
C GLY C 12 10.15 12.45 13.08
N SER C 13 9.61 11.87 14.15
CA SER C 13 8.87 12.66 15.12
C SER C 13 9.80 13.21 16.18
N PRO C 14 9.37 14.26 16.89
CA PRO C 14 10.23 14.83 17.94
C PRO C 14 10.71 13.76 18.90
N GLY C 15 11.98 13.87 19.32
CA GLY C 15 12.59 12.91 20.19
C GLY C 15 13.20 11.71 19.50
N GLN C 16 12.80 11.44 18.26
CA GLN C 16 13.33 10.30 17.53
C GLN C 16 14.67 10.66 16.90
N SER C 17 15.30 9.67 16.28
CA SER C 17 16.54 9.84 15.55
C SER C 17 16.31 9.60 14.07
N VAL C 18 17.10 10.28 13.25
CA VAL C 18 17.09 10.10 11.80
C VAL C 18 18.53 10.05 11.32
N THR C 19 18.80 9.17 10.35
CA THR C 19 20.10 9.08 9.72
C THR C 19 19.92 9.25 8.22
N ILE C 20 20.74 10.10 7.62
CA ILE C 20 20.68 10.40 6.19
C ILE C 20 22.06 10.16 5.61
N SER C 21 22.09 9.69 4.36
CA SER C 21 23.30 9.18 3.73
C SER C 21 23.78 10.09 2.61
N CYS C 22 25.08 10.01 2.34
CA CYS C 22 25.75 10.80 1.31
C CYS C 22 26.69 9.84 0.59
N THR C 23 26.32 9.43 -0.62
CA THR C 23 27.04 8.38 -1.34
C THR C 23 27.82 8.98 -2.49
N GLY C 24 29.12 8.70 -2.51
CA GLY C 24 30.00 9.15 -3.58
C GLY C 24 30.74 7.99 -4.21
N THR C 25 32.03 8.18 -4.50
CA THR C 25 32.84 7.13 -5.12
C THR C 25 34.19 7.08 -4.44
N SER C 26 35.06 6.18 -4.94
CA SER C 26 36.36 5.95 -4.31
C SER C 26 37.25 7.19 -4.34
N SER C 27 37.02 8.10 -5.28
CA SER C 27 37.89 9.25 -5.45
C SER C 27 37.40 10.50 -4.72
N ASP C 28 36.26 10.43 -4.02
CA ASP C 28 35.80 11.56 -3.23
C ASP C 28 35.47 11.12 -1.81
N VAL C 29 34.22 10.68 -1.58
CA VAL C 29 33.82 10.30 -0.22
C VAL C 29 34.72 9.19 0.30
N GLY C 30 34.98 8.19 -0.52
CA GLY C 30 35.80 7.07 -0.10
C GLY C 30 37.29 7.26 -0.22
N GLY C 31 37.74 8.46 -0.59
CA GLY C 31 39.14 8.70 -0.86
C GLY C 31 39.85 9.57 0.15
N SER C 32 39.13 10.02 1.17
CA SER C 32 39.70 10.86 2.22
C SER C 32 38.63 11.07 3.28
N ASP C 33 39.01 11.74 4.37
CA ASP C 33 38.10 12.07 5.46
C ASP C 33 37.75 13.55 5.39
N SER C 34 37.05 13.93 4.32
CA SER C 34 36.82 15.32 3.99
C SER C 34 35.34 15.61 3.75
N VAL C 35 34.46 14.82 4.36
CA VAL C 35 33.02 15.03 4.19
C VAL C 35 32.55 16.10 5.17
N SER C 36 31.82 17.08 4.64
CA SER C 36 31.17 18.11 5.44
C SER C 36 29.66 18.00 5.27
N TRP C 37 28.93 18.44 6.29
CA TRP C 37 27.48 18.52 6.25
C TRP C 37 27.06 19.95 6.58
N TYR C 38 26.01 20.42 5.91
CA TYR C 38 25.50 21.77 6.08
C TYR C 38 24.00 21.72 6.31
N GLN C 39 23.51 22.56 7.21
CA GLN C 39 22.09 22.71 7.51
C GLN C 39 21.62 24.04 6.96
N GLN C 40 20.45 24.02 6.31
CA GLN C 40 19.83 25.27 5.85
C GLN C 40 18.33 25.24 6.13
N HIS C 41 17.86 26.18 6.92
CA HIS C 41 16.44 26.50 6.94
C HIS C 41 16.11 27.28 5.67
N PRO C 42 15.14 26.83 4.88
CA PRO C 42 14.93 27.45 3.55
C PRO C 42 14.78 28.95 3.65
N GLY C 43 15.43 29.66 2.72
CA GLY C 43 15.42 31.11 2.70
C GLY C 43 16.39 31.76 3.65
N LYS C 44 17.16 31.00 4.42
CA LYS C 44 18.12 31.53 5.37
C LYS C 44 19.52 31.05 5.01
N ALA C 45 20.52 31.74 5.58
CA ALA C 45 21.90 31.32 5.38
C ALA C 45 22.12 29.91 5.93
N PRO C 46 22.88 29.07 5.25
CA PRO C 46 23.21 27.75 5.80
C PRO C 46 24.26 27.84 6.89
N LYS C 47 24.47 26.71 7.56
CA LYS C 47 25.45 26.60 8.63
C LYS C 47 26.22 25.28 8.46
N LEU C 48 27.53 25.37 8.51
CA LEU C 48 28.37 24.16 8.59
C LEU C 48 28.13 23.48 9.94
N ILE C 49 27.73 22.22 9.91
CA ILE C 49 27.47 21.48 11.14
C ILE C 49 28.40 20.29 11.33
N ILE C 50 29.01 19.75 10.28
CA ILE C 50 30.02 18.68 10.42
C ILE C 50 31.10 18.94 9.37
N TYR C 51 32.36 18.73 9.77
CA TYR C 51 33.47 18.75 8.84
C TYR C 51 34.40 17.59 9.16
N GLU C 52 35.18 17.20 8.16
CA GLU C 52 36.11 16.06 8.28
C GLU C 52 35.38 14.83 8.84
N VAL C 53 34.21 14.58 8.30
CA VAL C 53 33.39 13.40 8.56
C VAL C 53 32.64 13.50 9.88
N SER C 54 33.35 13.88 10.95
CA SER C 54 32.82 13.70 12.30
C SER C 54 32.93 14.93 13.19
N GLN C 55 33.62 15.99 12.77
CA GLN C 55 33.95 17.10 13.65
C GLN C 55 32.80 18.11 13.71
N ARG C 56 32.41 18.47 14.94
CA ARG C 56 31.37 19.46 15.14
C ARG C 56 31.98 20.82 15.38
N PRO C 57 31.63 21.85 14.60
CA PRO C 57 32.04 23.21 14.96
C PRO C 57 31.50 23.60 16.33
N SER C 58 32.13 24.60 16.92
CA SER C 58 31.71 25.11 18.22
C SER C 58 30.24 25.54 18.16
N GLY C 59 29.48 25.17 19.19
CA GLY C 59 28.10 25.54 19.28
C GLY C 59 27.12 24.56 18.66
N VAL C 60 27.60 23.64 17.83
CA VAL C 60 26.75 22.60 17.25
C VAL C 60 26.55 21.52 18.31
N PRO C 61 25.32 21.17 18.66
CA PRO C 61 25.10 20.20 19.74
C PRO C 61 25.50 18.79 19.33
N ASN C 62 25.86 17.99 20.33
CA ASN C 62 26.29 16.61 20.09
C ASN C 62 25.17 15.71 19.64
N ARG C 63 23.93 16.23 19.51
CA ARG C 63 22.87 15.46 18.88
C ARG C 63 23.21 15.13 17.44
N PHE C 64 24.04 15.96 16.80
CA PHE C 64 24.49 15.74 15.44
C PHE C 64 25.80 14.95 15.45
N SER C 65 25.83 13.86 14.69
CA SER C 65 27.05 13.06 14.57
C SER C 65 27.18 12.60 13.14
N GLY C 66 28.43 12.51 12.68
CA GLY C 66 28.72 12.10 11.33
C GLY C 66 29.72 10.96 11.31
N SER C 67 29.54 10.07 10.34
CA SER C 67 30.40 8.91 10.19
C SER C 67 30.55 8.61 8.70
N LYS C 68 31.37 7.61 8.39
CA LYS C 68 31.59 7.22 7.01
C LYS C 68 31.97 5.75 6.96
N SER C 69 31.42 5.03 5.99
CA SER C 69 31.77 3.65 5.70
C SER C 69 31.93 3.52 4.20
N GLY C 70 33.13 3.17 3.76
CA GLY C 70 33.38 3.06 2.33
C GLY C 70 33.12 4.39 1.64
N ASN C 71 32.32 4.34 0.58
CA ASN C 71 32.01 5.52 -0.21
C ASN C 71 30.73 6.21 0.25
N THR C 72 30.23 5.89 1.44
CA THR C 72 28.98 6.45 1.95
C THR C 72 29.25 7.10 3.30
N ALA C 73 28.94 8.38 3.41
CA ALA C 73 28.95 9.11 4.67
C ALA C 73 27.52 9.23 5.19
N SER C 74 27.39 9.34 6.50
CA SER C 74 26.06 9.40 7.11
C SER C 74 26.04 10.43 8.22
N LEU C 75 24.93 11.18 8.27
CA LEU C 75 24.66 12.14 9.32
C LEU C 75 23.51 11.59 10.17
N THR C 76 23.70 11.56 11.48
CA THR C 76 22.67 11.12 12.41
C THR C 76 22.29 12.27 13.32
N VAL C 77 20.99 12.57 13.39
CA VAL C 77 20.45 13.55 14.32
C VAL C 77 19.60 12.78 15.32
N SER C 78 20.04 12.75 16.57
CA SER C 78 19.31 12.10 17.64
C SER C 78 18.49 13.14 18.40
N GLY C 79 17.43 12.66 19.05
CA GLY C 79 16.55 13.54 19.79
C GLY C 79 16.07 14.71 18.93
N LEU C 80 15.43 14.39 17.81
CA LEU C 80 14.96 15.42 16.89
C LEU C 80 14.18 16.50 17.62
N GLN C 81 14.55 17.74 17.39
CA GLN C 81 13.87 18.91 17.92
C GLN C 81 13.30 19.72 16.76
N ALA C 82 12.39 20.63 17.09
CA ALA C 82 11.68 21.38 16.05
C ALA C 82 12.66 22.12 15.14
N GLU C 83 13.75 22.63 15.71
CA GLU C 83 14.70 23.42 14.92
C GLU C 83 15.55 22.56 13.98
N ASP C 84 15.47 21.23 14.10
CA ASP C 84 16.22 20.36 13.18
C ASP C 84 15.53 20.21 11.83
N ASP C 85 14.25 20.58 11.73
CA ASP C 85 13.52 20.58 10.47
C ASP C 85 14.18 21.55 9.50
N ALA C 86 14.85 21.02 8.48
CA ALA C 86 15.68 21.81 7.60
C ALA C 86 16.09 20.96 6.41
N ASP C 87 16.81 21.58 5.47
CA ASP C 87 17.47 20.87 4.39
C ASP C 87 18.93 20.61 4.79
N TYR C 88 19.45 19.45 4.43
CA TYR C 88 20.81 19.07 4.79
C TYR C 88 21.56 18.68 3.52
N TYR C 89 22.76 19.27 3.36
CA TYR C 89 23.60 19.02 2.21
C TYR C 89 24.92 18.43 2.70
N CYS C 90 25.51 17.57 1.87
CA CYS C 90 26.85 17.05 2.12
C CYS C 90 27.78 17.49 1.01
N SER C 91 29.08 17.52 1.32
CA SER C 91 30.12 17.80 0.34
C SER C 91 31.33 16.93 0.66
N SER C 92 32.20 16.79 -0.33
CA SER C 92 33.44 16.05 -0.15
C SER C 92 34.47 16.56 -1.15
N TYR C 93 35.73 16.63 -0.69
CA TYR C 93 36.84 16.80 -1.62
C TYR C 93 36.76 15.75 -2.71
N GLY C 94 37.14 16.13 -3.92
CA GLY C 94 37.35 15.19 -5.01
C GLY C 94 38.81 14.87 -5.20
N GLY C 95 39.09 14.10 -6.24
CA GLY C 95 40.44 13.74 -6.56
C GLY C 95 41.33 14.93 -6.85
N ASP C 96 40.98 15.70 -7.88
CA ASP C 96 41.82 16.81 -8.35
C ASP C 96 41.42 18.12 -7.66
N ASN C 97 41.56 18.12 -6.34
CA ASN C 97 41.17 19.24 -5.49
C ASN C 97 39.87 19.89 -5.96
N ASN C 98 38.97 19.08 -6.50
CA ASN C 98 37.61 19.53 -6.78
C ASN C 98 36.77 19.36 -5.51
N LEU C 99 35.56 19.91 -5.56
CA LEU C 99 34.60 19.80 -4.47
C LEU C 99 33.29 19.32 -5.05
N PHE C 100 32.71 18.28 -4.43
CA PHE C 100 31.45 17.70 -4.87
C PHE C 100 30.40 17.94 -3.79
N PHE C 101 29.17 18.23 -4.23
CA PHE C 101 28.05 18.43 -3.33
C PHE C 101 26.97 17.39 -3.60
N GLY C 102 26.24 17.03 -2.53
CA GLY C 102 25.03 16.24 -2.71
C GLY C 102 23.85 17.11 -3.10
N GLY C 103 22.75 16.44 -3.46
CA GLY C 103 21.56 17.14 -3.91
C GLY C 103 20.69 17.70 -2.80
N GLY C 104 20.94 17.31 -1.56
CA GLY C 104 20.16 17.82 -0.45
C GLY C 104 19.06 16.89 0.00
N THR C 105 18.87 16.79 1.32
CA THR C 105 17.82 15.99 1.93
C THR C 105 16.93 16.92 2.74
N LYS C 106 15.64 16.93 2.43
CA LYS C 106 14.65 17.63 3.25
C LYS C 106 14.31 16.74 4.45
N VAL C 107 14.68 17.19 5.65
CA VAL C 107 14.37 16.47 6.88
C VAL C 107 13.18 17.16 7.56
N THR C 108 12.08 16.42 7.68
CA THR C 108 10.87 16.94 8.32
C THR C 108 10.76 16.37 9.73
N VAL C 109 10.57 17.25 10.71
CA VAL C 109 10.16 16.85 12.05
C VAL C 109 8.63 16.85 12.02
N LEU C 110 8.04 15.65 11.99
CA LEU C 110 6.62 15.50 11.68
C LEU C 110 5.77 16.40 12.56
N GLY C 111 5.04 17.30 11.91
CA GLY C 111 4.10 18.19 12.58
C GLY C 111 2.67 17.74 12.54
N GLN C 112 2.38 16.63 11.88
CA GLN C 112 1.04 16.09 11.70
C GLN C 112 1.21 14.67 11.16
N PRO C 113 0.14 13.87 11.10
CA PRO C 113 0.29 12.50 10.61
C PRO C 113 0.79 12.45 9.17
N LYS C 114 1.54 11.40 8.87
CA LYS C 114 1.97 11.17 7.50
C LYS C 114 0.77 10.82 6.63
N ALA C 115 0.83 11.24 5.38
CA ALA C 115 -0.25 11.00 4.43
C ALA C 115 0.36 10.73 3.06
N ALA C 116 0.05 9.57 2.49
CA ALA C 116 0.58 9.23 1.17
C ALA C 116 -0.26 9.90 0.09
N PRO C 117 0.38 10.31 -1.01
CA PRO C 117 -0.32 11.16 -1.98
C PRO C 117 -1.37 10.40 -2.78
N SER C 118 -2.46 11.11 -3.09
CA SER C 118 -3.40 10.68 -4.12
C SER C 118 -2.86 11.12 -5.48
N VAL C 119 -2.74 10.18 -6.41
CA VAL C 119 -2.18 10.45 -7.73
C VAL C 119 -3.26 10.24 -8.78
N THR C 120 -3.49 11.26 -9.61
CA THR C 120 -4.46 11.21 -10.69
C THR C 120 -3.79 11.68 -11.97
N LEU C 121 -3.72 10.80 -12.96
CA LEU C 121 -3.02 11.06 -14.21
C LEU C 121 -4.04 11.27 -15.32
N PHE C 122 -3.88 12.37 -16.08
CA PHE C 122 -4.84 12.71 -17.11
C PHE C 122 -4.20 12.60 -18.50
N PRO C 123 -4.93 12.08 -19.49
CA PRO C 123 -4.42 12.09 -20.87
C PRO C 123 -4.59 13.47 -21.48
N PRO C 124 -4.05 13.69 -22.68
CA PRO C 124 -4.13 15.04 -23.27
C PRO C 124 -5.58 15.48 -23.47
N SER C 125 -5.81 16.77 -23.21
CA SER C 125 -7.13 17.34 -23.45
C SER C 125 -7.39 17.44 -24.94
N SER C 126 -8.64 17.20 -25.33
CA SER C 126 -8.96 17.20 -26.76
C SER C 126 -8.75 18.57 -27.38
N GLU C 127 -8.89 19.65 -26.60
CA GLU C 127 -8.71 20.98 -27.16
C GLU C 127 -7.25 21.27 -27.48
N GLU C 128 -6.34 20.88 -26.57
CA GLU C 128 -4.92 21.16 -26.83
C GLU C 128 -4.38 20.33 -27.98
N LEU C 129 -4.97 19.15 -28.24
CA LEU C 129 -4.56 18.35 -29.37
C LEU C 129 -4.82 19.08 -30.68
N GLN C 130 -5.94 19.79 -30.77
CA GLN C 130 -6.19 20.65 -31.93
C GLN C 130 -5.24 21.85 -31.99
N ALA C 131 -4.34 21.99 -31.03
CA ALA C 131 -3.34 23.06 -31.02
C ALA C 131 -1.92 22.51 -31.05
N ASN C 132 -1.75 21.29 -31.54
CA ASN C 132 -0.44 20.65 -31.64
C ASN C 132 0.23 20.49 -30.29
N LYS C 133 -0.56 20.34 -29.22
CA LYS C 133 -0.05 20.05 -27.89
C LYS C 133 -0.64 18.74 -27.40
N ALA C 134 0.13 18.04 -26.57
CA ALA C 134 -0.31 16.77 -25.99
C ALA C 134 0.25 16.66 -24.57
N THR C 135 -0.06 17.65 -23.74
CA THR C 135 0.46 17.71 -22.40
C THR C 135 -0.26 16.72 -21.50
N LEU C 136 0.51 15.91 -20.77
CA LEU C 136 -0.01 15.06 -19.71
C LEU C 136 0.13 15.79 -18.38
N VAL C 137 -0.78 15.51 -17.44
CA VAL C 137 -0.71 16.10 -16.12
C VAL C 137 -0.93 15.00 -15.09
N CYS C 138 -0.11 15.02 -14.05
CA CYS C 138 -0.11 14.03 -12.96
C CYS C 138 -0.38 14.82 -11.69
N LEU C 139 -1.62 14.79 -11.22
CA LEU C 139 -2.02 15.56 -10.05
C LEU C 139 -1.71 14.78 -8.79
N ILE C 140 -1.03 15.43 -7.84
CA ILE C 140 -0.52 14.80 -6.63
C ILE C 140 -1.02 15.63 -5.45
N SER C 141 -1.91 15.06 -4.64
CA SER C 141 -2.60 15.83 -3.61
C SER C 141 -2.64 15.06 -2.30
N ASP C 142 -2.92 15.81 -1.22
CA ASP C 142 -3.22 15.24 0.10
C ASP C 142 -2.06 14.43 0.66
N PHE C 143 -0.84 14.93 0.56
CA PHE C 143 0.31 14.24 1.12
C PHE C 143 1.02 15.09 2.16
N TYR C 144 1.69 14.41 3.11
CA TYR C 144 2.52 15.03 4.12
C TYR C 144 3.54 13.98 4.56
N PRO C 145 4.81 14.36 4.75
CA PRO C 145 5.43 15.68 4.59
C PRO C 145 5.35 16.20 3.16
N GLY C 146 5.64 17.48 2.96
CA GLY C 146 5.47 18.09 1.65
C GLY C 146 6.68 17.91 0.76
N ALA C 147 7.10 16.67 0.58
CA ALA C 147 8.27 16.33 -0.22
C ALA C 147 7.92 15.15 -1.13
N VAL C 148 8.15 15.34 -2.43
CA VAL C 148 7.79 14.32 -3.41
C VAL C 148 8.78 14.37 -4.56
N THR C 149 9.02 13.21 -5.16
CA THR C 149 9.83 13.10 -6.37
C THR C 149 9.03 12.35 -7.43
N VAL C 150 9.14 12.80 -8.68
CA VAL C 150 8.31 12.30 -9.76
C VAL C 150 9.20 11.76 -10.87
N ALA C 151 8.80 10.64 -11.46
CA ALA C 151 9.52 10.05 -12.57
C ALA C 151 8.50 9.60 -13.62
N TRP C 152 8.73 10.02 -14.86
CA TRP C 152 7.87 9.66 -15.98
C TRP C 152 8.55 8.61 -16.83
N LYS C 153 7.73 7.80 -17.52
CA LYS C 153 8.22 6.77 -18.42
C LYS C 153 7.36 6.73 -19.67
N ALA C 154 7.98 6.38 -20.79
CA ALA C 154 7.29 6.14 -22.05
C ALA C 154 7.36 4.64 -22.31
N ASP C 155 6.21 3.97 -22.23
CA ASP C 155 6.15 2.51 -22.23
C ASP C 155 6.87 1.97 -21.00
N SER C 156 8.19 1.81 -21.09
CA SER C 156 8.98 1.48 -19.91
C SER C 156 10.34 2.18 -19.95
N SER C 157 10.51 3.21 -20.77
CA SER C 157 11.77 3.92 -20.91
C SER C 157 11.67 5.27 -20.23
N PRO C 158 12.46 5.54 -19.20
CA PRO C 158 12.39 6.85 -18.53
C PRO C 158 12.47 8.01 -19.51
N VAL C 159 11.65 9.03 -19.25
CA VAL C 159 11.72 10.29 -19.97
C VAL C 159 12.26 11.36 -19.03
N LYS C 160 12.89 12.36 -19.60
CA LYS C 160 13.37 13.51 -18.84
C LYS C 160 12.99 14.83 -19.49
N ALA C 161 13.12 14.93 -20.82
CA ALA C 161 12.77 16.16 -21.51
C ALA C 161 11.28 16.45 -21.36
N GLY C 162 10.95 17.72 -21.17
CA GLY C 162 9.57 18.16 -21.16
C GLY C 162 8.84 18.00 -19.84
N VAL C 163 9.55 17.67 -18.76
CA VAL C 163 8.93 17.45 -17.45
C VAL C 163 9.10 18.71 -16.61
N GLU C 164 8.00 19.16 -16.00
CA GLU C 164 8.01 20.21 -15.00
C GLU C 164 7.11 19.78 -13.84
N THR C 165 7.58 20.00 -12.61
CA THR C 165 6.81 19.70 -11.42
C THR C 165 6.78 20.93 -10.53
N THR C 166 5.59 21.29 -10.07
CA THR C 166 5.45 22.47 -9.24
C THR C 166 5.96 22.20 -7.84
N THR C 167 6.32 23.27 -7.15
CA THR C 167 6.74 23.15 -5.76
C THR C 167 5.53 22.80 -4.89
N PRO C 168 5.61 21.76 -4.07
CA PRO C 168 4.44 21.42 -3.24
C PRO C 168 4.00 22.60 -2.39
N SER C 169 2.69 22.80 -2.32
CA SER C 169 2.10 23.88 -1.54
C SER C 169 1.02 23.31 -0.63
N LYS C 170 0.90 23.88 0.56
CA LYS C 170 -0.07 23.44 1.55
C LYS C 170 -1.46 23.95 1.16
N GLN C 171 -2.42 23.04 1.07
CA GLN C 171 -3.76 23.39 0.63
C GLN C 171 -4.68 23.55 1.84
N SER C 172 -5.96 23.78 1.57
CA SER C 172 -6.88 24.18 2.63
C SER C 172 -7.09 23.09 3.67
N ASN C 173 -6.81 21.83 3.35
CA ASN C 173 -6.91 20.74 4.32
C ASN C 173 -5.62 20.53 5.10
N ASN C 174 -4.63 21.42 4.95
CA ASN C 174 -3.35 21.39 5.64
C ASN C 174 -2.46 20.27 5.15
N LYS C 175 -2.77 19.67 4.00
CA LYS C 175 -1.88 18.75 3.31
C LYS C 175 -1.40 19.39 2.02
N TYR C 176 -0.38 18.78 1.43
CA TYR C 176 0.32 19.37 0.29
C TYR C 176 -0.21 18.84 -1.03
N ALA C 177 -0.07 19.67 -2.07
CA ALA C 177 -0.48 19.31 -3.41
C ALA C 177 0.55 19.87 -4.40
N ALA C 178 0.71 19.16 -5.51
CA ALA C 178 1.58 19.61 -6.59
C ALA C 178 1.15 18.92 -7.87
N SER C 179 1.63 19.45 -8.99
CA SER C 179 1.33 18.90 -10.30
C SER C 179 2.61 18.73 -11.09
N SER C 180 2.74 17.58 -11.76
CA SER C 180 3.81 17.33 -12.71
C SER C 180 3.18 17.21 -14.10
N TYR C 181 3.69 17.99 -15.06
CA TYR C 181 3.14 17.98 -16.40
C TYR C 181 4.26 17.70 -17.40
N LEU C 182 4.02 16.72 -18.27
CA LEU C 182 4.95 16.36 -19.35
C LEU C 182 4.36 16.91 -20.64
N SER C 183 5.00 17.93 -21.20
CA SER C 183 4.46 18.66 -22.35
C SER C 183 4.98 17.99 -23.61
N LEU C 184 4.21 17.04 -24.12
CA LEU C 184 4.55 16.31 -25.33
C LEU C 184 3.91 16.95 -26.55
N THR C 185 4.46 16.61 -27.72
CA THR C 185 3.79 16.91 -28.97
C THR C 185 2.78 15.81 -29.27
N PRO C 186 1.76 16.11 -30.07
CA PRO C 186 0.85 15.02 -30.49
C PRO C 186 1.60 13.87 -31.12
N GLU C 187 2.71 14.15 -31.81
CA GLU C 187 3.51 13.10 -32.41
C GLU C 187 4.10 12.19 -31.34
N GLN C 188 4.82 12.77 -30.38
CA GLN C 188 5.37 12.00 -29.27
C GLN C 188 4.29 11.16 -28.61
N TRP C 189 3.17 11.79 -28.24
CA TRP C 189 2.13 11.10 -27.48
C TRP C 189 1.59 9.90 -28.23
N LYS C 190 1.38 10.03 -29.54
CA LYS C 190 0.83 8.92 -30.31
C LYS C 190 1.91 7.90 -30.68
N SER C 191 3.16 8.33 -30.78
CA SER C 191 4.24 7.40 -31.09
C SER C 191 4.32 6.28 -30.06
N HIS C 192 4.33 6.64 -28.78
CA HIS C 192 4.40 5.66 -27.70
C HIS C 192 3.01 5.20 -27.30
N ARG C 193 2.93 3.96 -26.82
CA ARG C 193 1.65 3.32 -26.60
C ARG C 193 1.08 3.55 -25.20
N SER C 194 1.92 3.99 -24.25
CA SER C 194 1.42 4.36 -22.94
C SER C 194 2.49 5.18 -22.24
N TYR C 195 2.06 6.07 -21.35
CA TYR C 195 2.95 6.87 -20.53
C TYR C 195 2.62 6.63 -19.06
N SER C 196 3.60 6.85 -18.20
CA SER C 196 3.48 6.51 -16.79
C SER C 196 4.04 7.63 -15.93
N CYS C 197 3.37 7.88 -14.79
CA CYS C 197 3.82 8.83 -13.80
C CYS C 197 4.03 8.09 -12.49
N GLN C 198 5.25 8.14 -11.96
CA GLN C 198 5.63 7.47 -10.72
C GLN C 198 5.93 8.53 -9.67
N VAL C 199 5.23 8.47 -8.55
CA VAL C 199 5.40 9.41 -7.45
C VAL C 199 5.99 8.65 -6.26
N THR C 200 7.10 9.15 -5.74
CA THR C 200 7.75 8.58 -4.57
C THR C 200 7.55 9.51 -3.37
N HIS C 201 7.13 8.93 -2.25
CA HIS C 201 6.84 9.70 -1.04
C HIS C 201 7.16 8.84 0.18
N GLU C 202 7.93 9.40 1.11
CA GLU C 202 8.32 8.68 2.32
C GLU C 202 8.84 7.29 1.99
N GLY C 203 9.72 7.23 0.98
CA GLY C 203 10.38 6.00 0.62
C GLY C 203 9.53 4.96 -0.08
N SER C 204 8.29 5.27 -0.44
CA SER C 204 7.44 4.34 -1.16
C SER C 204 6.89 5.02 -2.42
N THR C 205 6.45 4.20 -3.36
CA THR C 205 6.10 4.67 -4.69
C THR C 205 4.66 4.32 -5.05
N VAL C 206 4.08 5.15 -5.91
CA VAL C 206 2.80 4.86 -6.56
C VAL C 206 2.97 5.18 -8.04
N GLU C 207 2.37 4.37 -8.90
CA GLU C 207 2.54 4.52 -10.34
C GLU C 207 1.19 4.43 -11.03
N LYS C 208 0.89 5.44 -11.84
CA LYS C 208 -0.32 5.48 -12.64
C LYS C 208 0.05 5.47 -14.11
N THR C 209 -0.79 4.86 -14.94
CA THR C 209 -0.54 4.75 -16.36
C THR C 209 -1.75 5.24 -17.14
N VAL C 210 -1.48 5.85 -18.30
CA VAL C 210 -2.50 6.27 -19.25
C VAL C 210 -2.01 5.88 -20.65
N ALA C 211 -2.97 5.63 -21.54
CA ALA C 211 -2.65 5.23 -22.90
C ALA C 211 -3.56 5.97 -23.87
N PRO C 212 -3.11 6.17 -25.12
CA PRO C 212 -3.98 6.80 -26.11
C PRO C 212 -5.16 5.91 -26.45
N THR C 213 -6.36 6.48 -26.40
CA THR C 213 -7.57 5.75 -26.77
C THR C 213 -7.97 6.11 -28.21
N SER D 2 29.67 34.13 13.99
CA SER D 2 29.41 35.44 13.41
C SER D 2 29.32 35.33 11.88
N ALA D 3 28.53 36.21 11.27
CA ALA D 3 28.18 36.12 9.87
C ALA D 3 28.91 37.18 9.05
N LEU D 4 29.19 36.83 7.79
CA LEU D 4 29.65 37.82 6.83
C LEU D 4 28.49 38.75 6.47
N THR D 5 28.81 40.01 6.20
CA THR D 5 27.79 41.04 6.02
C THR D 5 27.52 41.25 4.53
N GLN D 6 26.30 40.93 4.10
CA GLN D 6 25.82 41.21 2.75
C GLN D 6 24.67 42.20 2.84
N PRO D 7 24.46 43.01 1.80
CA PRO D 7 23.23 43.82 1.74
C PRO D 7 22.01 42.92 1.60
N PRO D 8 20.93 43.20 2.33
CA PRO D 8 19.75 42.31 2.23
C PRO D 8 19.19 42.21 0.82
N SER D 9 19.37 43.23 -0.02
CA SER D 9 18.71 43.22 -1.31
C SER D 9 19.50 44.03 -2.32
N ALA D 10 19.28 43.71 -3.60
CA ALA D 10 19.82 44.45 -4.73
C ALA D 10 18.86 44.25 -5.90
N SER D 11 18.93 45.15 -6.87
CA SER D 11 18.01 45.07 -7.98
C SER D 11 18.59 45.72 -9.22
N GLY D 12 18.02 45.36 -10.36
CA GLY D 12 18.37 45.97 -11.62
C GLY D 12 17.43 45.52 -12.71
N SER D 13 17.34 46.34 -13.75
CA SER D 13 16.57 45.99 -14.93
C SER D 13 17.37 45.09 -15.84
N PRO D 14 16.72 44.41 -16.78
CA PRO D 14 17.45 43.52 -17.69
C PRO D 14 18.53 44.28 -18.46
N GLY D 15 19.71 43.68 -18.53
CA GLY D 15 20.86 44.30 -19.14
C GLY D 15 21.73 45.10 -18.20
N GLN D 16 21.21 45.50 -17.05
CA GLN D 16 22.04 46.24 -16.09
C GLN D 16 23.05 45.30 -15.44
N SER D 17 23.99 45.91 -14.71
CA SER D 17 24.92 45.21 -13.85
C SER D 17 24.57 45.49 -12.40
N VAL D 18 24.82 44.50 -11.54
CA VAL D 18 24.64 44.64 -10.11
C VAL D 18 25.86 44.08 -9.40
N THR D 19 26.32 44.79 -8.37
CA THR D 19 27.40 44.33 -7.51
C THR D 19 26.86 44.19 -6.11
N ILE D 20 27.18 43.08 -5.45
CA ILE D 20 26.82 42.87 -4.06
C ILE D 20 28.09 42.52 -3.29
N SER D 21 28.23 43.10 -2.11
CA SER D 21 29.46 42.98 -1.33
C SER D 21 29.29 41.94 -0.21
N CYS D 22 30.42 41.47 0.27
CA CYS D 22 30.49 40.42 1.30
C CYS D 22 31.68 40.78 2.20
N THR D 23 31.39 41.31 3.38
CA THR D 23 32.42 41.87 4.26
C THR D 23 32.65 40.92 5.44
N GLY D 24 33.90 40.54 5.64
CA GLY D 24 34.30 39.72 6.77
C GLY D 24 35.37 40.40 7.61
N THR D 25 36.32 39.61 8.12
CA THR D 25 37.44 40.12 8.90
C THR D 25 38.75 39.68 8.26
N SER D 26 39.86 40.09 8.88
CA SER D 26 41.17 39.75 8.36
C SER D 26 41.45 38.26 8.46
N SER D 27 40.80 37.56 9.39
CA SER D 27 41.04 36.15 9.61
C SER D 27 40.09 35.24 8.83
N ASP D 28 39.20 35.80 8.01
CA ASP D 28 38.42 34.98 7.09
C ASP D 28 38.51 35.53 5.66
N VAL D 29 37.67 36.52 5.33
CA VAL D 29 37.63 37.02 3.95
C VAL D 29 39.00 37.55 3.54
N GLY D 30 39.62 38.36 4.40
CA GLY D 30 40.91 38.94 4.08
C GLY D 30 42.11 38.04 4.30
N GLY D 31 41.90 36.85 4.86
CA GLY D 31 43.01 36.00 5.24
C GLY D 31 43.46 35.01 4.19
N SER D 32 42.64 34.77 3.17
CA SER D 32 42.96 33.78 2.15
C SER D 32 42.07 34.00 0.94
N ASP D 33 42.30 33.19 -0.10
CA ASP D 33 41.52 33.22 -1.33
C ASP D 33 40.47 32.12 -1.36
N SER D 34 39.81 31.85 -0.24
CA SER D 34 38.81 30.80 -0.18
C SER D 34 37.42 31.38 -0.01
N VAL D 35 37.08 32.36 -0.83
CA VAL D 35 35.76 32.97 -0.84
C VAL D 35 34.93 32.34 -1.95
N SER D 36 33.67 32.01 -1.65
CA SER D 36 32.78 31.37 -2.61
C SER D 36 31.46 32.12 -2.64
N TRP D 37 30.75 31.97 -3.76
CA TRP D 37 29.42 32.54 -3.94
C TRP D 37 28.46 31.47 -4.42
N TYR D 38 27.23 31.51 -3.92
CA TYR D 38 26.19 30.57 -4.29
C TYR D 38 24.93 31.31 -4.74
N GLN D 39 24.25 30.75 -5.72
CA GLN D 39 22.97 31.23 -6.21
C GLN D 39 21.90 30.21 -5.82
N GLN D 40 20.77 30.68 -5.34
CA GLN D 40 19.70 29.78 -4.90
C GLN D 40 18.34 30.36 -5.24
N HIS D 41 17.62 29.68 -6.10
CA HIS D 41 16.21 30.02 -6.34
C HIS D 41 15.35 29.44 -5.22
N PRO D 42 14.32 30.17 -4.79
CA PRO D 42 13.50 29.69 -3.66
C PRO D 42 13.02 28.26 -3.84
N GLY D 43 13.19 27.45 -2.80
CA GLY D 43 12.75 26.08 -2.79
C GLY D 43 13.62 25.10 -3.52
N LYS D 44 14.77 25.54 -4.04
CA LYS D 44 15.66 24.68 -4.80
C LYS D 44 17.02 24.60 -4.11
N ALA D 45 17.78 23.59 -4.49
CA ALA D 45 19.15 23.49 -4.01
C ALA D 45 19.99 24.64 -4.57
N PRO D 46 20.95 25.14 -3.80
CA PRO D 46 21.80 26.22 -4.31
C PRO D 46 22.69 25.73 -5.44
N LYS D 47 23.41 26.68 -6.03
CA LYS D 47 24.44 26.36 -7.01
C LYS D 47 25.66 27.23 -6.73
N LEU D 48 26.79 26.60 -6.44
CA LEU D 48 28.05 27.33 -6.33
C LEU D 48 28.37 27.95 -7.68
N ILE D 49 28.52 29.26 -7.71
CA ILE D 49 28.84 29.97 -8.95
C ILE D 49 30.24 30.57 -8.95
N ILE D 50 30.87 30.72 -7.79
CA ILE D 50 32.24 31.23 -7.70
C ILE D 50 32.95 30.48 -6.57
N TYR D 51 34.16 30.02 -6.84
CA TYR D 51 35.05 29.51 -5.80
C TYR D 51 36.41 30.17 -5.96
N GLU D 52 37.17 30.16 -4.87
CA GLU D 52 38.50 30.78 -4.83
C GLU D 52 38.44 32.21 -5.38
N VAL D 53 37.46 32.96 -4.89
CA VAL D 53 37.31 34.39 -5.10
C VAL D 53 36.76 34.72 -6.49
N SER D 54 37.28 34.05 -7.52
CA SER D 54 37.03 34.48 -8.88
C SER D 54 36.72 33.37 -9.88
N GLN D 55 36.86 32.10 -9.51
CA GLN D 55 36.75 31.00 -10.45
C GLN D 55 35.30 30.55 -10.60
N ARG D 56 34.88 30.35 -11.84
CA ARG D 56 33.53 29.87 -12.15
C ARG D 56 33.56 28.39 -12.45
N PRO D 57 32.69 27.57 -11.84
CA PRO D 57 32.53 26.19 -12.31
C PRO D 57 32.06 26.15 -13.75
N SER D 58 32.26 25.00 -14.37
CA SER D 58 31.74 24.78 -15.71
C SER D 58 30.25 25.09 -15.74
N GLY D 59 29.79 25.63 -16.88
CA GLY D 59 28.38 25.92 -17.07
C GLY D 59 27.88 27.19 -16.44
N VAL D 60 28.65 27.84 -15.59
CA VAL D 60 28.23 29.12 -15.01
C VAL D 60 28.59 30.23 -15.98
N PRO D 61 27.63 31.08 -16.39
CA PRO D 61 27.94 32.10 -17.39
C PRO D 61 29.02 33.06 -16.91
N ASN D 62 29.83 33.54 -17.87
CA ASN D 62 30.87 34.50 -17.52
C ASN D 62 30.32 35.90 -17.23
N ARG D 63 29.00 36.05 -17.22
CA ARG D 63 28.38 37.26 -16.69
C ARG D 63 28.59 37.39 -15.19
N PHE D 64 28.95 36.30 -14.52
CA PHE D 64 29.22 36.32 -13.08
C PHE D 64 30.72 36.45 -12.87
N SER D 65 31.12 37.46 -12.12
CA SER D 65 32.54 37.64 -11.80
C SER D 65 32.71 37.98 -10.34
N GLY D 66 33.78 37.50 -9.75
CA GLY D 66 34.04 37.73 -8.34
C GLY D 66 35.44 38.28 -8.12
N SER D 67 35.55 39.12 -7.10
CA SER D 67 36.82 39.75 -6.76
C SER D 67 36.84 39.99 -5.26
N LYS D 68 37.94 40.56 -4.78
CA LYS D 68 38.13 40.77 -3.35
C LYS D 68 39.14 41.89 -3.16
N SER D 69 38.89 42.72 -2.15
CA SER D 69 39.83 43.77 -1.76
C SER D 69 39.80 43.88 -0.24
N GLY D 70 40.93 43.58 0.39
CA GLY D 70 40.98 43.61 1.84
C GLY D 70 40.04 42.59 2.42
N ASN D 71 39.08 43.06 3.21
CA ASN D 71 38.16 42.21 3.95
C ASN D 71 36.78 42.14 3.30
N THR D 72 36.67 42.53 2.04
CA THR D 72 35.37 42.60 1.36
C THR D 72 35.47 41.94 0.00
N ALA D 73 34.65 40.92 -0.21
CA ALA D 73 34.49 40.29 -1.52
C ALA D 73 33.28 40.87 -2.21
N SER D 74 33.31 40.87 -3.54
CA SER D 74 32.23 41.43 -4.35
C SER D 74 31.89 40.49 -5.48
N LEU D 75 30.60 40.25 -5.67
CA LEU D 75 30.07 39.52 -6.81
C LEU D 75 29.42 40.53 -7.75
N THR D 76 29.76 40.44 -9.02
CA THR D 76 29.17 41.31 -10.06
C THR D 76 28.48 40.43 -11.08
N VAL D 77 27.20 40.72 -11.34
CA VAL D 77 26.44 40.05 -12.37
C VAL D 77 26.17 41.08 -13.46
N SER D 78 26.77 40.88 -14.62
CA SER D 78 26.56 41.77 -15.76
C SER D 78 25.43 41.24 -16.63
N GLY D 79 24.88 42.12 -17.45
CA GLY D 79 23.79 41.77 -18.33
C GLY D 79 22.69 40.99 -17.64
N LEU D 80 22.05 41.60 -16.64
CA LEU D 80 21.07 40.90 -15.83
C LEU D 80 20.01 40.24 -16.70
N GLN D 81 19.71 38.98 -16.38
CA GLN D 81 18.68 38.19 -17.03
C GLN D 81 17.68 37.69 -16.00
N ALA D 82 16.50 37.30 -16.47
CA ALA D 82 15.43 36.89 -15.54
C ALA D 82 15.90 35.77 -14.62
N GLU D 83 16.65 34.81 -15.15
CA GLU D 83 17.11 33.68 -14.35
C GLU D 83 18.04 34.11 -13.22
N ASP D 84 18.57 35.33 -13.26
CA ASP D 84 19.44 35.82 -12.20
C ASP D 84 18.69 36.22 -10.94
N ASP D 85 17.37 36.35 -11.01
CA ASP D 85 16.55 36.70 -9.85
C ASP D 85 16.60 35.54 -8.87
N ALA D 86 17.21 35.75 -7.70
CA ALA D 86 17.52 34.66 -6.79
C ALA D 86 18.18 35.23 -5.54
N ASP D 87 18.39 34.36 -4.55
CA ASP D 87 19.19 34.69 -3.38
C ASP D 87 20.64 34.36 -3.66
N TYR D 88 21.55 35.19 -3.15
CA TYR D 88 22.98 34.99 -3.32
C TYR D 88 23.66 35.00 -1.96
N TYR D 89 24.50 34.00 -1.73
CA TYR D 89 25.24 33.85 -0.48
C TYR D 89 26.73 33.77 -0.77
N CYS D 90 27.51 34.46 0.06
CA CYS D 90 28.95 34.30 0.06
C CYS D 90 29.38 33.45 1.26
N SER D 91 30.54 32.84 1.13
CA SER D 91 31.15 32.08 2.21
C SER D 91 32.65 32.32 2.18
N SER D 92 33.28 32.10 3.32
CA SER D 92 34.74 32.18 3.42
C SER D 92 35.20 31.25 4.53
N TYR D 93 36.21 30.43 4.23
CA TYR D 93 36.88 29.69 5.29
C TYR D 93 37.75 30.65 6.10
N GLY D 94 37.91 30.34 7.38
CA GLY D 94 38.79 31.09 8.24
C GLY D 94 39.87 30.21 8.81
N GLY D 95 40.15 30.35 10.11
CA GLY D 95 41.02 29.45 10.81
C GLY D 95 40.22 28.44 11.62
N ASP D 96 40.94 27.44 12.14
CA ASP D 96 40.34 26.43 13.01
C ASP D 96 39.13 25.78 12.35
N ASN D 97 39.24 25.51 11.05
CA ASN D 97 38.25 24.78 10.27
C ASN D 97 36.89 25.49 10.20
N ASN D 98 36.83 26.77 10.53
CA ASN D 98 35.57 27.49 10.46
C ASN D 98 35.18 27.77 9.00
N LEU D 99 33.88 27.75 8.75
CA LEU D 99 33.32 28.21 7.48
C LEU D 99 32.26 29.25 7.80
N PHE D 100 32.49 30.48 7.32
CA PHE D 100 31.59 31.60 7.57
C PHE D 100 30.69 31.82 6.37
N PHE D 101 29.44 32.17 6.64
CA PHE D 101 28.46 32.45 5.59
C PHE D 101 27.89 33.85 5.77
N GLY D 102 27.61 34.51 4.64
CA GLY D 102 26.87 35.75 4.69
C GLY D 102 25.39 35.53 4.86
N GLY D 103 24.70 36.60 5.24
CA GLY D 103 23.26 36.53 5.48
C GLY D 103 22.42 36.35 4.24
N GLY D 104 22.99 36.63 3.05
CA GLY D 104 22.26 36.46 1.82
C GLY D 104 21.74 37.77 1.24
N THR D 105 21.74 37.86 -0.09
CA THR D 105 21.21 39.02 -0.81
C THR D 105 20.16 38.53 -1.79
N LYS D 106 18.94 39.05 -1.68
CA LYS D 106 17.89 38.80 -2.67
C LYS D 106 18.09 39.77 -3.82
N VAL D 107 18.44 39.27 -4.98
CA VAL D 107 18.62 40.07 -6.19
C VAL D 107 17.32 40.02 -6.98
N THR D 108 16.69 41.18 -7.18
CA THR D 108 15.46 41.28 -7.95
C THR D 108 15.77 41.82 -9.33
N VAL D 109 15.30 41.11 -10.36
CA VAL D 109 15.42 41.57 -11.74
C VAL D 109 14.12 42.30 -12.06
N LEU D 110 14.20 43.63 -12.09
CA LEU D 110 13.02 44.45 -12.29
C LEU D 110 12.49 44.32 -13.71
N GLY D 111 11.17 44.51 -13.85
CA GLY D 111 10.57 44.63 -15.15
C GLY D 111 10.77 43.44 -16.06
N GLN D 112 10.61 42.23 -15.53
CA GLN D 112 10.60 41.05 -16.39
C GLN D 112 9.33 41.08 -17.25
N PRO D 113 9.35 40.43 -18.40
CA PRO D 113 8.23 40.59 -19.34
C PRO D 113 6.95 39.95 -18.82
N LYS D 114 5.85 40.67 -19.00
CA LYS D 114 4.53 40.11 -18.73
C LYS D 114 4.27 38.93 -19.65
N ALA D 115 3.61 37.89 -19.11
CA ALA D 115 3.28 36.72 -19.90
C ALA D 115 1.95 36.18 -19.41
N ALA D 116 0.98 36.05 -20.31
CA ALA D 116 -0.32 35.52 -19.92
C ALA D 116 -0.25 34.00 -19.78
N PRO D 117 -1.13 33.43 -18.96
CA PRO D 117 -1.05 31.98 -18.72
C PRO D 117 -1.57 31.17 -19.89
N SER D 118 -0.83 30.11 -20.23
CA SER D 118 -1.42 29.00 -20.96
C SER D 118 -2.33 28.24 -20.01
N VAL D 119 -3.58 28.05 -20.41
CA VAL D 119 -4.58 27.37 -19.59
C VAL D 119 -5.03 26.11 -20.30
N THR D 120 -4.98 24.98 -19.61
CA THR D 120 -5.39 23.70 -20.15
C THR D 120 -6.30 23.02 -19.12
N LEU D 121 -7.52 22.69 -19.55
CA LEU D 121 -8.53 22.09 -18.68
C LEU D 121 -8.68 20.63 -19.05
N PHE D 122 -8.49 19.75 -18.07
CA PHE D 122 -8.59 18.32 -18.27
C PHE D 122 -9.87 17.78 -17.66
N PRO D 123 -10.64 16.98 -18.39
CA PRO D 123 -11.86 16.40 -17.82
C PRO D 123 -11.50 15.19 -16.97
N PRO D 124 -12.46 14.66 -16.20
CA PRO D 124 -12.17 13.43 -15.45
C PRO D 124 -12.00 12.26 -16.40
N SER D 125 -10.98 11.45 -16.15
CA SER D 125 -10.74 10.28 -16.97
C SER D 125 -11.90 9.29 -16.85
N SER D 126 -12.13 8.53 -17.92
CA SER D 126 -13.09 7.44 -17.83
C SER D 126 -12.65 6.42 -16.79
N GLU D 127 -11.35 6.35 -16.53
CA GLU D 127 -10.83 5.43 -15.51
C GLU D 127 -11.26 5.86 -14.11
N GLU D 128 -10.98 7.12 -13.73
CA GLU D 128 -11.36 7.55 -12.40
C GLU D 128 -12.88 7.62 -12.25
N LEU D 129 -13.59 7.97 -13.32
CA LEU D 129 -15.05 7.84 -13.29
C LEU D 129 -15.45 6.38 -13.05
N GLN D 130 -14.64 5.44 -13.51
CA GLN D 130 -14.87 4.03 -13.21
C GLN D 130 -14.71 3.75 -11.73
N ALA D 131 -13.78 4.44 -11.06
CA ALA D 131 -13.57 4.29 -9.63
C ALA D 131 -14.49 5.17 -8.80
N ASN D 132 -15.54 5.72 -9.41
CA ASN D 132 -16.54 6.52 -8.69
C ASN D 132 -15.93 7.82 -8.17
N LYS D 133 -15.01 8.40 -8.93
CA LYS D 133 -14.41 9.68 -8.60
C LYS D 133 -14.41 10.57 -9.83
N ALA D 134 -14.36 11.87 -9.61
CA ALA D 134 -14.33 12.83 -10.71
C ALA D 134 -13.50 14.02 -10.26
N THR D 135 -12.34 14.20 -10.89
CA THR D 135 -11.47 15.33 -10.65
C THR D 135 -11.21 16.04 -11.98
N LEU D 136 -11.40 17.34 -12.00
CA LEU D 136 -10.97 18.18 -13.11
C LEU D 136 -9.74 18.97 -12.67
N VAL D 137 -8.76 19.10 -13.56
CA VAL D 137 -7.56 19.86 -13.28
C VAL D 137 -7.41 20.95 -14.34
N CYS D 138 -7.21 22.17 -13.88
CA CYS D 138 -6.99 23.35 -14.72
C CYS D 138 -5.50 23.69 -14.59
N LEU D 139 -4.72 23.29 -15.60
CA LEU D 139 -3.28 23.50 -15.58
C LEU D 139 -2.97 24.90 -16.12
N ILE D 140 -2.18 25.66 -15.35
CA ILE D 140 -1.90 27.06 -15.63
C ILE D 140 -0.39 27.23 -15.64
N SER D 141 0.18 27.63 -16.77
CA SER D 141 1.63 27.66 -16.93
C SER D 141 2.06 28.89 -17.73
N ASP D 142 3.36 29.18 -17.62
CA ASP D 142 4.03 30.16 -18.46
C ASP D 142 3.56 31.59 -18.21
N PHE D 143 3.14 31.92 -16.99
CA PHE D 143 2.66 33.26 -16.71
C PHE D 143 3.61 34.00 -15.77
N TYR D 144 3.64 35.33 -15.93
CA TYR D 144 4.46 36.21 -15.12
C TYR D 144 3.77 37.56 -15.07
N PRO D 145 3.70 38.22 -13.90
CA PRO D 145 4.22 37.80 -12.59
C PRO D 145 3.44 36.60 -12.02
N GLY D 146 3.89 36.06 -10.89
CA GLY D 146 3.36 34.79 -10.41
C GLY D 146 2.17 34.92 -9.49
N ALA D 147 1.07 35.47 -10.01
CA ALA D 147 -0.15 35.63 -9.23
C ALA D 147 -1.35 35.50 -10.16
N VAL D 148 -2.29 34.64 -9.78
CA VAL D 148 -3.51 34.42 -10.56
C VAL D 148 -4.65 34.13 -9.59
N THR D 149 -5.87 34.36 -10.05
CA THR D 149 -7.07 33.93 -9.36
C THR D 149 -7.87 33.03 -10.29
N VAL D 150 -8.53 32.03 -9.71
CA VAL D 150 -9.27 31.03 -10.46
C VAL D 150 -10.72 31.04 -9.99
N ALA D 151 -11.64 30.86 -10.93
CA ALA D 151 -13.05 30.68 -10.64
C ALA D 151 -13.57 29.56 -11.54
N TRP D 152 -14.41 28.70 -10.97
CA TRP D 152 -14.97 27.57 -11.70
C TRP D 152 -16.44 27.81 -11.97
N LYS D 153 -16.92 27.26 -13.07
CA LYS D 153 -18.33 27.34 -13.45
C LYS D 153 -18.85 25.95 -13.74
N ALA D 154 -20.04 25.67 -13.23
CA ALA D 154 -20.84 24.50 -13.64
C ALA D 154 -21.98 25.04 -14.48
N ASP D 155 -22.01 24.66 -15.75
CA ASP D 155 -22.83 25.37 -16.76
C ASP D 155 -22.38 26.82 -16.67
N SER D 156 -23.29 27.78 -16.48
CA SER D 156 -22.91 29.19 -16.36
C SER D 156 -22.85 29.67 -14.92
N SER D 157 -23.10 28.80 -13.96
CA SER D 157 -23.22 29.22 -12.57
C SER D 157 -21.92 28.96 -11.80
N PRO D 158 -21.60 29.79 -10.82
CA PRO D 158 -20.36 29.58 -10.06
C PRO D 158 -20.38 28.26 -9.31
N VAL D 159 -19.22 27.61 -9.28
CA VAL D 159 -18.98 26.42 -8.47
C VAL D 159 -18.14 26.86 -7.28
N LYS D 160 -18.67 26.68 -6.08
CA LYS D 160 -18.07 27.19 -4.86
C LYS D 160 -17.26 26.14 -4.10
N ALA D 161 -17.77 24.93 -4.00
CA ALA D 161 -17.14 23.89 -3.19
C ALA D 161 -16.23 23.01 -4.01
N GLY D 162 -15.36 22.29 -3.31
CA GLY D 162 -14.50 21.30 -3.94
C GLY D 162 -13.34 21.87 -4.72
N VAL D 163 -12.93 23.11 -4.45
CA VAL D 163 -11.92 23.81 -5.25
C VAL D 163 -10.63 23.92 -4.44
N GLU D 164 -9.51 23.64 -5.08
CA GLU D 164 -8.19 23.91 -4.55
C GLU D 164 -7.31 24.48 -5.66
N THR D 165 -6.42 25.40 -5.30
CA THR D 165 -5.48 25.97 -6.25
C THR D 165 -4.11 26.08 -5.59
N THR D 166 -3.09 25.53 -6.24
CA THR D 166 -1.76 25.51 -5.66
C THR D 166 -1.11 26.87 -5.75
N THR D 167 -0.19 27.13 -4.84
CA THR D 167 0.57 28.38 -4.86
C THR D 167 1.48 28.40 -6.08
N PRO D 168 1.48 29.48 -6.88
CA PRO D 168 2.33 29.50 -8.07
C PRO D 168 3.80 29.26 -7.71
N SER D 169 4.49 28.49 -8.55
CA SER D 169 5.90 28.22 -8.38
C SER D 169 6.62 28.48 -9.72
N LYS D 170 7.78 29.11 -9.64
CA LYS D 170 8.55 29.40 -10.84
C LYS D 170 9.21 28.13 -11.36
N GLN D 171 9.19 27.97 -12.68
CA GLN D 171 9.71 26.78 -13.33
C GLN D 171 10.98 27.14 -14.11
N SER D 172 11.49 26.15 -14.86
CA SER D 172 12.79 26.32 -15.51
C SER D 172 12.78 27.39 -16.59
N ASN D 173 11.62 27.79 -17.10
CA ASN D 173 11.53 28.86 -18.07
C ASN D 173 11.36 30.23 -17.41
N ASN D 174 11.64 30.33 -16.11
CA ASN D 174 11.57 31.58 -15.37
C ASN D 174 10.15 32.14 -15.31
N LYS D 175 9.16 31.32 -15.63
CA LYS D 175 7.76 31.69 -15.55
C LYS D 175 7.05 30.73 -14.60
N TYR D 176 5.88 31.14 -14.14
CA TYR D 176 5.21 30.44 -13.06
C TYR D 176 4.20 29.41 -13.59
N ALA D 177 3.89 28.45 -12.73
CA ALA D 177 2.92 27.41 -13.05
C ALA D 177 2.13 27.10 -11.79
N ALA D 178 0.92 26.58 -12.00
CA ALA D 178 0.07 26.18 -10.88
C ALA D 178 -1.08 25.36 -11.46
N SER D 179 -1.78 24.67 -10.56
CA SER D 179 -2.94 23.88 -10.93
C SER D 179 -4.09 24.21 -10.00
N SER D 180 -5.28 24.33 -10.57
CA SER D 180 -6.53 24.33 -9.81
C SER D 180 -7.23 23.01 -10.11
N TYR D 181 -7.75 22.37 -9.07
CA TYR D 181 -8.46 21.10 -9.26
C TYR D 181 -9.80 21.14 -8.55
N LEU D 182 -10.82 20.63 -9.23
CA LEU D 182 -12.20 20.61 -8.78
C LEU D 182 -12.61 19.17 -8.54
N SER D 183 -13.05 18.88 -7.32
CA SER D 183 -13.52 17.55 -6.98
C SER D 183 -15.03 17.49 -7.17
N LEU D 184 -15.48 16.50 -7.94
CA LEU D 184 -16.89 16.27 -8.19
C LEU D 184 -17.21 14.79 -8.01
N THR D 185 -18.47 14.50 -7.91
CA THR D 185 -18.90 13.12 -8.08
C THR D 185 -19.15 12.83 -9.55
N PRO D 186 -19.02 11.58 -9.99
CA PRO D 186 -19.38 11.25 -11.38
C PRO D 186 -20.76 11.72 -11.77
N GLU D 187 -21.71 11.74 -10.84
CA GLU D 187 -23.07 12.15 -11.15
C GLU D 187 -23.12 13.63 -11.49
N GLN D 188 -22.47 14.48 -10.69
CA GLN D 188 -22.40 15.90 -11.00
C GLN D 188 -21.78 16.12 -12.37
N TRP D 189 -20.66 15.46 -12.65
CA TRP D 189 -19.98 15.60 -13.93
C TRP D 189 -20.92 15.28 -15.08
N LYS D 190 -21.63 14.15 -14.99
CA LYS D 190 -22.46 13.71 -16.11
C LYS D 190 -23.73 14.54 -16.26
N SER D 191 -24.24 15.11 -15.16
CA SER D 191 -25.53 15.78 -15.22
C SER D 191 -25.43 17.16 -15.86
N HIS D 192 -24.27 17.81 -15.80
CA HIS D 192 -24.15 19.18 -16.26
C HIS D 192 -23.72 19.24 -17.72
N ARG D 193 -24.06 20.35 -18.37
CA ARG D 193 -23.70 20.54 -19.77
C ARG D 193 -22.19 20.72 -19.92
N SER D 194 -21.55 21.41 -18.99
CA SER D 194 -20.13 21.67 -19.07
C SER D 194 -19.63 22.22 -17.74
N TYR D 195 -18.31 22.20 -17.58
CA TYR D 195 -17.62 22.90 -16.51
C TYR D 195 -16.55 23.79 -17.13
N SER D 196 -16.29 24.92 -16.51
CA SER D 196 -15.33 25.89 -17.01
C SER D 196 -14.36 26.32 -15.94
N CYS D 197 -13.12 26.55 -16.35
CA CYS D 197 -12.09 27.15 -15.51
C CYS D 197 -11.77 28.54 -16.06
N GLN D 198 -11.86 29.54 -15.19
CA GLN D 198 -11.60 30.92 -15.57
C GLN D 198 -10.41 31.44 -14.78
N VAL D 199 -9.34 31.78 -15.47
CA VAL D 199 -8.08 32.19 -14.85
C VAL D 199 -7.86 33.67 -15.11
N THR D 200 -7.78 34.45 -14.04
CA THR D 200 -7.54 35.88 -14.13
C THR D 200 -6.07 36.15 -13.82
N HIS D 201 -5.38 36.80 -14.75
CA HIS D 201 -3.98 37.17 -14.59
C HIS D 201 -3.81 38.61 -15.05
N GLU D 202 -3.43 39.49 -14.12
CA GLU D 202 -3.17 40.89 -14.43
C GLU D 202 -4.38 41.53 -15.12
N GLY D 203 -5.57 41.23 -14.62
CA GLY D 203 -6.78 41.86 -15.10
C GLY D 203 -7.33 41.33 -16.41
N SER D 204 -6.80 40.23 -16.93
CA SER D 204 -7.31 39.60 -18.13
C SER D 204 -7.64 38.15 -17.82
N THR D 205 -8.75 37.65 -18.37
CA THR D 205 -9.28 36.35 -18.02
C THR D 205 -9.20 35.39 -19.20
N VAL D 206 -8.65 34.21 -18.96
CA VAL D 206 -8.66 33.09 -19.90
C VAL D 206 -9.69 32.09 -19.40
N GLU D 207 -10.51 31.57 -20.31
CA GLU D 207 -11.56 30.64 -19.96
C GLU D 207 -11.45 29.38 -20.81
N LYS D 208 -11.54 28.23 -20.17
CA LYS D 208 -11.58 26.94 -20.85
C LYS D 208 -12.81 26.17 -20.36
N THR D 209 -13.35 25.34 -21.24
CA THR D 209 -14.57 24.58 -20.98
C THR D 209 -14.43 23.18 -21.51
N VAL D 210 -14.87 22.20 -20.71
CA VAL D 210 -14.96 20.81 -21.13
C VAL D 210 -16.36 20.30 -20.81
N ALA D 211 -16.77 19.27 -21.54
CA ALA D 211 -18.09 18.67 -21.39
C ALA D 211 -17.96 17.15 -21.45
N PRO D 212 -18.91 16.43 -20.85
CA PRO D 212 -18.85 14.96 -20.89
C PRO D 212 -18.66 14.43 -22.30
N THR D 213 -17.95 13.32 -22.41
CA THR D 213 -17.51 12.79 -23.70
C THR D 213 -18.51 11.80 -24.29
C A1AH6 E . -27.10 -26.93 10.27
C1 A1AH6 E . -26.65 -26.76 8.83
C2 A1AH6 E . -26.10 -25.35 8.62
C4 A1AH6 E . -25.94 -23.54 5.43
C5 A1AH6 E . -25.42 -22.34 4.96
C8 A1AH6 E . -25.78 -18.37 2.75
N A1AH6 E . -24.90 -20.50 3.72
O1 A1AH6 E . -26.94 -18.78 1.98
O2 A1AH6 E . -28.26 -18.59 3.81
C3 A1AH6 E . -25.70 -23.90 6.75
N1 A1AH6 E . -28.92 -19.72 1.97
O A1AH6 E . -26.27 -25.04 7.23
C7 A1AH6 E . -24.79 -19.52 2.66
C9 A1AH6 E . -28.06 -18.98 2.69
N3 A1AH6 E . -34.69 -23.00 2.48
O3 A1AH6 E . -26.12 -22.11 2.64
C10 A1AH6 E . -30.08 -20.35 2.56
C11 A1AH6 E . -31.25 -20.48 1.61
C12 A1AH6 E . -31.23 -19.88 0.37
C13 A1AH6 E . -32.33 -19.95 -0.47
C14 A1AH6 E . -33.47 -20.61 -0.07
C15 A1AH6 E . -33.51 -21.23 1.18
C16 A1AH6 E . -34.74 -21.90 1.65
C17 A1AH6 E . -36.05 -21.56 1.41
C18 A1AH6 E . -35.97 -23.29 2.73
C19 A1AH6 E . -32.39 -21.17 2.01
C20 A1AH6 E . -24.30 -20.27 5.04
C21 A1AH6 E . -22.80 -20.03 4.99
C22 A1AH6 E . -24.68 -21.52 5.78
C23 A1AH6 E . -24.41 -21.90 7.09
C24 A1AH6 E . -24.93 -23.08 7.57
C25 A1AH6 E . -25.61 -27.79 8.44
C26 A1AH6 E . -24.41 -27.88 9.12
C27 A1AH6 E . -23.41 -28.76 8.70
C28 A1AH6 E . -23.63 -29.56 7.60
C29 A1AH6 E . -24.83 -29.50 6.92
C30 A1AH6 E . -25.82 -28.62 7.35
C6 A1AH6 E . -25.56 -21.69 3.63
N2 A1AH6 E . -36.81 -22.45 2.12
H13 A1AH6 E . -29.81 -21.34 2.92
H12 A1AH6 E . -30.39 -19.79 3.44
H14 A1AH6 E . -30.34 -19.35 0.04
H15 A1AH6 E . -32.30 -19.47 -1.45
H16 A1AH6 E . -34.33 -20.66 -0.73
H17 A1AH6 E . -36.46 -20.77 0.80
H19 A1AH6 E . -36.28 -24.12 3.36
H20 A1AH6 E . -32.45 -21.67 2.97
H21 A1AH6 E . -24.79 -19.42 5.51
H24 A1AH6 E . -22.31 -20.80 4.40
H23 A1AH6 E . -22.38 -20.03 5.99
H22 A1AH6 E . -22.58 -19.07 4.53
H25 A1AH6 E . -23.80 -21.26 7.73
H26 A1AH6 E . -24.71 -23.33 8.62
H27 A1AH6 E . -24.21 -27.25 9.98
H28 A1AH6 E . -22.47 -28.81 9.24
H29 A1AH6 E . -22.85 -30.25 7.27
H30 A1AH6 E . -25.01 -30.14 6.06
H31 A1AH6 E . -26.76 -28.60 6.80
C A1AH6 F . 26.12 24.30 1.46
C1 A1AH6 F . 26.27 25.49 0.52
C2 A1AH6 F . 26.48 24.99 -0.91
C4 A1AH6 F . 26.02 23.60 -3.55
C5 A1AH6 F . 25.69 22.78 -4.63
C8 A1AH6 F . 26.55 20.32 -8.38
N A1AH6 F . 25.50 21.80 -6.68
O1 A1AH6 F . 27.83 20.92 -8.68
O2 A1AH6 F . 28.79 19.89 -6.91
C3 A1AH6 F . 25.48 23.30 -2.30
N1 A1AH6 F . 29.70 21.73 -7.88
O A1AH6 F . 25.63 23.88 -1.07
C7 A1AH6 F . 25.62 21.48 -8.10
C9 A1AH6 F . 28.78 20.76 -7.75
N3 A1AH6 F . 36.64 23.76 -7.03
O3 A1AH6 F . 26.82 23.68 -6.61
C10 A1AH6 F . 30.75 22.00 -6.91
C11 A1AH6 F . 31.97 22.61 -7.59
C12 A1AH6 F . 32.08 22.63 -8.96
C13 A1AH6 F . 33.21 23.13 -9.58
C14 A1AH6 F . 34.27 23.59 -8.81
C15 A1AH6 F . 34.19 23.55 -7.43
C16 A1AH6 F . 35.34 23.95 -6.61
C17 A1AH6 F . 35.36 24.47 -5.34
C18 A1AH6 F . 37.40 24.15 -6.02
C19 A1AH6 F . 33.03 23.08 -6.82
C20 A1AH6 F . 24.70 20.98 -5.77
C21 A1AH6 F . 23.25 20.80 -6.22
C22 A1AH6 F . 24.84 21.70 -4.47
C23 A1AH6 F . 24.28 21.43 -3.23
C24 A1AH6 F . 24.61 22.23 -2.15
C25 A1AH6 F . 25.04 26.39 0.57
C26 A1AH6 F . 23.82 25.91 1.04
C27 A1AH6 F . 22.70 26.72 1.03
C28 A1AH6 F . 22.78 28.01 0.56
C29 A1AH6 F . 23.98 28.51 0.12
C30 A1AH6 F . 25.11 27.69 0.11
C6 A1AH6 F . 26.10 22.86 -6.06
N2 A1AH6 F . 36.68 24.57 -4.98
H13 A1AH6 F . 30.39 22.68 -6.14
H12 A1AH6 F . 31.04 21.09 -6.40
H14 A1AH6 F . 31.25 22.27 -9.59
H15 A1AH6 F . 33.28 23.16 -10.67
H16 A1AH6 F . 35.17 23.97 -9.30
H17 A1AH6 F . 34.54 24.75 -4.69
H19 A1AH6 F . 38.50 24.11 -6.03
H20 A1AH6 F . 32.98 23.09 -5.74
H21 A1AH6 F . 25.17 19.99 -5.67
H24 A1AH6 F . 23.22 20.44 -7.24
H23 A1AH6 F . 22.74 20.09 -5.58
H22 A1AH6 F . 22.72 21.75 -6.17
H25 A1AH6 F . 23.61 20.59 -3.12
H26 A1AH6 F . 24.15 21.96 -1.20
H27 A1AH6 F . 23.73 24.90 1.42
H28 A1AH6 F . 21.75 26.32 1.40
H29 A1AH6 F . 21.90 28.65 0.56
H30 A1AH6 F . 24.06 29.53 -0.24
H31 A1AH6 F . 26.06 28.10 -0.25
P PO4 G . 10.50 37.42 -9.57
O1 PO4 G . 8.94 37.31 -9.56
O2 PO4 G . 11.07 36.56 -8.38
O3 PO4 G . 11.04 36.87 -10.94
O4 PO4 G . 10.94 38.91 -9.40
P PO4 H . -25.00 24.29 -26.58
O1 PO4 H . -25.82 25.52 -26.06
O2 PO4 H . -25.95 23.33 -27.38
O3 PO4 H . -23.84 24.78 -27.51
O4 PO4 H . -24.38 23.51 -25.37
#